data_6IG2
#
_entry.id   6IG2
#
_cell.length_a   55.266
_cell.length_b   187.418
_cell.length_c   186.570
_cell.angle_alpha   90.00
_cell.angle_beta   90.00
_cell.angle_gamma   90.00
#
_symmetry.space_group_name_H-M   'P 21 2 2'
#
loop_
_entity.id
_entity.type
_entity.pdbx_description
1 polymer 'Phosphatidate cytidylyltransferase, mitochondrial'
2 non-polymer "CYTIDINE-5'-TRIPHOSPHATE"
3 water water
#
_entity_poly.entity_id   1
_entity_poly.type   'polypeptide(L)'
_entity_poly.pdbx_seq_one_letter_code
;MGSSHHHHHHSSGLVPRGSHMSHHAKCTVAQLLKQNLLTFENQRIQPEEELKENLTKVVNYFQAPIDVAVGYGSGVFRQA
GYSQKENPMIDFIFQVEDPVKWHKINLQQNPSHYSFVKNFGPGFVSTLQESFGTGVYYNTHVEVEGNIIKYGVTSKKDVY
EDLKNWNTMYLAGRFQKPVVILKGEDEFYKENSYNLSSALHVGLLMLADRFTEFDLYKTIVSLSYLGDIRMSFAAENPRK
VENIVSKQIAFFRKLYLPLLYAEPGVHFIESSEVLKSMDPSDNSRYLSFHQNITKDSISRLLNGLPLNLVKIL
;
_entity_poly.pdbx_strand_id   A,B,C,D
#
loop_
_chem_comp.id
_chem_comp.type
_chem_comp.name
_chem_comp.formula
CTP non-polymer CYTIDINE-5'-TRIPHOSPHATE 'C9 H16 N3 O14 P3'
#
# COMPACT_ATOMS: atom_id res chain seq x y z
N CYS A 27 23.33 -11.88 -15.00
CA CYS A 27 23.52 -11.49 -13.61
C CYS A 27 22.20 -11.45 -12.84
N THR A 28 22.26 -11.70 -11.53
CA THR A 28 21.08 -11.72 -10.68
C THR A 28 21.35 -10.88 -9.44
N VAL A 29 20.25 -10.57 -8.73
CA VAL A 29 20.37 -9.77 -7.52
C VAL A 29 21.16 -10.51 -6.46
N ALA A 30 21.06 -11.85 -6.41
CA ALA A 30 21.82 -12.61 -5.44
C ALA A 30 23.32 -12.49 -5.68
N GLN A 31 23.73 -12.51 -6.95
CA GLN A 31 25.15 -12.34 -7.28
C GLN A 31 25.65 -10.97 -6.84
N LEU A 32 24.76 -9.97 -6.76
CA LEU A 32 25.17 -8.64 -6.31
C LEU A 32 25.55 -8.64 -4.84
N LEU A 33 25.01 -9.58 -4.05
CA LEU A 33 25.27 -9.59 -2.61
C LEU A 33 26.68 -10.09 -2.30
N LYS A 34 27.18 -11.05 -3.08
CA LYS A 34 28.48 -11.65 -2.84
C LYS A 34 29.60 -10.93 -3.58
N GLN A 35 29.46 -9.63 -3.82
CA GLN A 35 30.48 -8.88 -4.51
C GLN A 35 31.68 -8.64 -3.61
N ASN A 36 32.88 -8.74 -4.20
CA ASN A 36 34.13 -8.56 -3.46
C ASN A 36 34.26 -7.10 -3.05
N LEU A 37 34.00 -6.83 -1.76
CA LEU A 37 34.09 -5.45 -1.26
C LEU A 37 35.53 -4.97 -1.13
N LEU A 38 36.50 -5.88 -1.04
CA LEU A 38 37.88 -5.47 -0.84
C LEU A 38 38.55 -5.05 -2.14
N THR A 39 38.07 -5.56 -3.28
CA THR A 39 38.48 -5.05 -4.59
C THR A 39 37.54 -3.98 -5.11
N PHE A 40 36.58 -3.54 -4.29
CA PHE A 40 35.61 -2.51 -4.66
C PHE A 40 34.84 -2.90 -5.92
N GLU A 41 34.41 -4.17 -5.99
CA GLU A 41 33.64 -4.64 -7.13
C GLU A 41 32.27 -3.94 -7.22
N ASN A 42 31.76 -3.45 -6.09
CA ASN A 42 30.47 -2.76 -6.09
C ASN A 42 30.53 -1.41 -6.79
N GLN A 43 31.73 -0.85 -6.97
CA GLN A 43 31.88 0.44 -7.65
C GLN A 43 32.28 0.30 -9.11
N ARG A 44 32.75 -0.87 -9.53
CA ARG A 44 33.23 -1.05 -10.89
C ARG A 44 32.08 -1.04 -11.89
N ILE A 45 31.44 0.11 -12.05
CA ILE A 45 30.34 0.27 -12.99
C ILE A 45 30.94 0.73 -14.33
N GLN A 46 30.90 -0.14 -15.33
CA GLN A 46 31.38 0.18 -16.65
C GLN A 46 30.22 0.26 -17.64
N PRO A 47 30.26 1.20 -18.58
CA PRO A 47 29.13 1.34 -19.51
C PRO A 47 29.20 0.37 -20.66
N GLU A 48 28.38 0.59 -21.69
CA GLU A 48 28.40 -0.25 -22.87
C GLU A 48 29.77 -0.18 -23.53
N GLU A 49 30.22 -1.32 -24.07
CA GLU A 49 31.54 -1.37 -24.71
C GLU A 49 31.65 -0.39 -25.87
N GLU A 50 30.54 -0.17 -26.59
CA GLU A 50 30.54 0.85 -27.64
C GLU A 50 30.67 2.25 -27.04
N LEU A 51 29.90 2.53 -25.99
CA LEU A 51 29.90 3.84 -25.37
C LEU A 51 31.14 4.10 -24.53
N LYS A 52 31.84 3.05 -24.09
CA LYS A 52 32.99 3.21 -23.20
C LYS A 52 34.13 3.96 -23.89
N GLU A 53 34.72 3.35 -24.93
CA GLU A 53 35.83 4.00 -25.61
C GLU A 53 35.40 5.25 -26.36
N ASN A 54 34.10 5.43 -26.61
CA ASN A 54 33.61 6.70 -27.11
C ASN A 54 33.86 7.81 -26.09
N LEU A 55 33.72 7.49 -24.80
CA LEU A 55 34.06 8.44 -23.74
C LEU A 55 35.55 8.46 -23.44
N THR A 56 36.28 7.38 -23.76
CA THR A 56 37.73 7.43 -23.67
C THR A 56 38.31 8.25 -24.82
N LYS A 57 37.62 8.29 -25.95
CA LYS A 57 38.05 9.13 -27.07
C LYS A 57 38.07 10.60 -26.66
N VAL A 58 37.08 11.03 -25.86
CA VAL A 58 36.96 12.43 -25.49
C VAL A 58 37.77 12.80 -24.25
N VAL A 59 38.28 11.82 -23.51
CA VAL A 59 39.07 12.13 -22.32
C VAL A 59 40.56 12.01 -22.64
N ASN A 60 40.91 11.16 -23.60
CA ASN A 60 42.26 11.11 -24.10
C ASN A 60 42.54 12.23 -25.09
N TYR A 61 41.50 12.95 -25.50
CA TYR A 61 41.69 14.09 -26.39
C TYR A 61 42.46 15.21 -25.70
N PHE A 62 42.14 15.47 -24.43
CA PHE A 62 42.79 16.54 -23.69
C PHE A 62 44.27 16.22 -23.46
N GLN A 63 45.15 17.17 -23.78
CA GLN A 63 46.58 16.99 -23.56
C GLN A 63 46.95 17.20 -22.10
N ALA A 64 46.22 18.05 -21.39
CA ALA A 64 46.55 18.32 -20.01
C ALA A 64 46.31 17.08 -19.14
N PRO A 65 47.18 16.82 -18.16
CA PRO A 65 47.09 15.55 -17.41
C PRO A 65 45.86 15.46 -16.51
N ILE A 66 44.96 14.54 -16.83
CA ILE A 66 43.79 14.25 -16.03
C ILE A 66 44.07 13.01 -15.18
N ASP A 67 43.90 13.12 -13.87
CA ASP A 67 44.15 12.00 -12.97
C ASP A 67 42.95 11.09 -12.82
N VAL A 68 41.77 11.67 -12.62
CA VAL A 68 40.53 10.90 -12.45
C VAL A 68 39.47 11.52 -13.36
N ALA A 69 38.91 10.69 -14.24
CA ALA A 69 37.86 11.12 -15.16
C ALA A 69 36.55 10.47 -14.75
N VAL A 70 35.51 11.30 -14.58
CA VAL A 70 34.22 10.85 -14.09
C VAL A 70 33.16 11.16 -15.14
N GLY A 71 32.27 10.21 -15.37
CA GLY A 71 31.13 10.40 -16.26
C GLY A 71 29.85 10.14 -15.51
N TYR A 72 28.83 10.94 -15.82
CA TYR A 72 27.55 10.86 -15.12
C TYR A 72 26.50 11.58 -15.95
N GLY A 73 25.26 11.51 -15.50
CA GLY A 73 24.18 12.24 -16.13
C GLY A 73 23.46 11.43 -17.19
N SER A 74 22.62 12.14 -17.95
CA SER A 74 21.83 11.50 -18.98
C SER A 74 22.67 11.05 -20.17
N GLY A 75 23.87 11.60 -20.34
CA GLY A 75 24.71 11.20 -21.46
C GLY A 75 25.43 9.89 -21.27
N VAL A 76 25.65 9.48 -20.04
CA VAL A 76 26.34 8.23 -19.73
C VAL A 76 25.36 7.12 -19.35
N PHE A 77 24.39 7.43 -18.49
CA PHE A 77 23.36 6.48 -18.09
C PHE A 77 22.12 6.71 -18.96
N ARG A 78 22.14 6.10 -20.14
CA ARG A 78 21.05 6.28 -21.09
C ARG A 78 19.88 5.37 -20.75
N ASN A 87 22.49 13.45 -29.32
CA ASN A 87 21.64 14.58 -28.96
C ASN A 87 21.82 15.05 -27.51
N PRO A 88 21.82 14.15 -26.53
CA PRO A 88 22.04 14.58 -25.14
C PRO A 88 23.49 14.97 -24.90
N MET A 89 23.68 15.84 -23.91
CA MET A 89 25.01 16.30 -23.52
C MET A 89 25.59 15.39 -22.46
N ILE A 90 26.87 15.05 -22.63
CA ILE A 90 27.58 14.15 -21.72
C ILE A 90 28.33 15.00 -20.71
N ASP A 91 28.05 14.79 -19.43
CA ASP A 91 28.68 15.54 -18.35
C ASP A 91 29.93 14.82 -17.86
N PHE A 92 30.97 15.60 -17.53
CA PHE A 92 32.23 15.05 -17.07
C PHE A 92 32.72 15.82 -15.85
N ILE A 93 33.62 15.17 -15.10
CA ILE A 93 34.29 15.78 -13.97
C ILE A 93 35.76 15.37 -14.06
N PHE A 94 36.65 16.35 -14.15
CA PHE A 94 38.09 16.10 -14.27
C PHE A 94 38.77 16.49 -12.96
N GLN A 95 39.37 15.50 -12.30
CA GLN A 95 40.15 15.72 -11.09
C GLN A 95 41.62 15.78 -11.49
N VAL A 96 42.31 16.85 -11.10
CA VAL A 96 43.62 17.15 -11.64
C VAL A 96 44.63 17.31 -10.52
N GLU A 97 45.89 17.01 -10.85
CA GLU A 97 46.99 17.20 -9.90
C GLU A 97 46.99 18.60 -9.31
N ASP A 98 46.66 19.60 -10.12
CA ASP A 98 46.65 21.00 -9.70
C ASP A 98 46.01 21.84 -10.80
N PRO A 99 45.08 22.74 -10.45
CA PRO A 99 44.24 23.35 -11.51
C PRO A 99 44.95 24.41 -12.34
N VAL A 100 45.86 25.20 -11.77
CA VAL A 100 46.41 26.33 -12.53
C VAL A 100 47.22 25.84 -13.72
N LYS A 101 48.04 24.78 -13.53
CA LYS A 101 48.82 24.26 -14.65
C LYS A 101 47.96 23.48 -15.64
N TRP A 102 46.93 22.79 -15.16
CA TRP A 102 46.06 22.06 -16.07
C TRP A 102 45.32 23.01 -17.00
N HIS A 103 44.75 24.08 -16.45
CA HIS A 103 44.05 25.05 -17.28
C HIS A 103 44.98 25.79 -18.22
N LYS A 104 46.27 25.91 -17.86
CA LYS A 104 47.23 26.51 -18.77
C LYS A 104 47.34 25.72 -20.05
N ILE A 105 47.63 24.41 -19.94
CA ILE A 105 47.84 23.58 -21.13
C ILE A 105 46.55 23.45 -21.93
N ASN A 106 45.41 23.37 -21.25
CA ASN A 106 44.14 23.28 -21.97
C ASN A 106 43.82 24.58 -22.69
N LEU A 107 44.33 25.70 -22.19
CA LEU A 107 44.13 26.97 -22.90
C LEU A 107 44.94 27.00 -24.19
N GLN A 108 46.16 26.43 -24.17
CA GLN A 108 46.93 26.32 -25.40
C GLN A 108 46.26 25.38 -26.40
N GLN A 109 45.61 24.33 -25.92
CA GLN A 109 44.99 23.37 -26.82
C GLN A 109 43.61 23.83 -27.26
N ASN A 110 42.71 24.09 -26.31
CA ASN A 110 41.32 24.45 -26.59
C ASN A 110 41.00 25.79 -25.94
N PRO A 111 41.39 26.90 -26.58
CA PRO A 111 40.96 28.22 -26.08
C PRO A 111 39.52 28.54 -26.42
N SER A 112 38.90 27.82 -27.35
CA SER A 112 37.51 28.08 -27.72
C SER A 112 36.52 27.60 -26.66
N HIS A 113 36.95 26.70 -25.77
CA HIS A 113 36.06 26.23 -24.72
C HIS A 113 35.76 27.32 -23.70
N TYR A 114 36.69 28.24 -23.51
CA TYR A 114 36.61 29.22 -22.43
C TYR A 114 35.86 30.47 -22.87
N SER A 115 35.67 31.39 -21.91
CA SER A 115 35.06 32.70 -22.15
C SER A 115 36.04 33.73 -21.60
N PHE A 116 36.99 34.13 -22.43
CA PHE A 116 38.09 34.98 -21.99
C PHE A 116 37.72 36.46 -22.02
N VAL A 117 38.61 37.28 -21.47
CA VAL A 117 38.44 38.72 -21.43
C VAL A 117 39.68 39.35 -22.05
N LYS A 118 39.47 40.29 -22.97
CA LYS A 118 40.54 41.07 -23.56
C LYS A 118 40.52 42.47 -22.96
N ASN A 119 41.64 42.89 -22.39
CA ASN A 119 41.75 44.17 -21.72
C ASN A 119 42.48 45.19 -22.60
N PHE A 120 42.26 46.46 -22.30
CA PHE A 120 42.94 47.55 -23.01
C PHE A 120 44.25 47.95 -22.36
N GLY A 121 44.49 47.54 -21.12
CA GLY A 121 45.71 47.87 -20.43
C GLY A 121 46.78 46.81 -20.60
N PRO A 122 48.04 47.17 -20.34
CA PRO A 122 49.19 46.27 -20.46
C PRO A 122 49.11 45.08 -19.50
N SER A 126 44.98 42.16 -15.34
CA SER A 126 44.07 41.02 -15.41
C SER A 126 44.20 40.13 -14.18
N THR A 127 43.61 38.94 -14.26
CA THR A 127 43.67 37.95 -13.19
C THR A 127 44.37 36.69 -13.71
N LEU A 128 45.27 36.14 -12.90
CA LEU A 128 46.11 35.03 -13.31
C LEU A 128 45.74 33.72 -12.63
N GLN A 129 45.78 33.68 -11.29
CA GLN A 129 45.59 32.44 -10.54
C GLN A 129 44.22 32.34 -9.88
N GLU A 130 43.66 33.46 -9.41
CA GLU A 130 42.43 33.41 -8.61
C GLU A 130 41.26 32.82 -9.39
N SER A 131 41.27 32.96 -10.72
CA SER A 131 40.14 32.48 -11.51
C SER A 131 40.07 30.96 -11.56
N PHE A 132 41.21 30.27 -11.49
CA PHE A 132 41.26 28.83 -11.65
C PHE A 132 41.62 28.08 -10.38
N GLY A 133 42.13 28.77 -9.36
CA GLY A 133 42.68 28.08 -8.20
C GLY A 133 41.67 27.51 -7.22
N THR A 134 40.39 27.80 -7.40
CA THR A 134 39.38 27.40 -6.43
C THR A 134 38.20 26.75 -7.14
N GLY A 135 37.42 26.00 -6.36
CA GLY A 135 36.17 25.40 -6.79
C GLY A 135 36.33 24.50 -8.01
N VAL A 136 35.26 24.41 -8.79
CA VAL A 136 35.24 23.61 -10.01
C VAL A 136 34.89 24.52 -11.17
N TYR A 137 35.71 24.48 -12.23
CA TYR A 137 35.54 25.32 -13.40
C TYR A 137 34.80 24.56 -14.48
N TYR A 138 33.66 25.08 -14.93
CA TYR A 138 32.81 24.40 -15.89
C TYR A 138 32.95 25.02 -17.28
N ASN A 139 32.95 24.16 -18.30
CA ASN A 139 32.88 24.58 -19.69
C ASN A 139 31.73 23.82 -20.34
N THR A 140 30.68 24.53 -20.71
CA THR A 140 29.43 23.93 -21.12
C THR A 140 29.23 24.02 -22.63
N HIS A 141 28.52 23.02 -23.16
CA HIS A 141 28.15 22.94 -24.58
C HIS A 141 29.37 23.09 -25.48
N VAL A 142 30.37 22.27 -25.20
CA VAL A 142 31.62 22.23 -25.96
C VAL A 142 31.65 20.94 -26.78
N GLU A 143 31.87 21.07 -28.08
CA GLU A 143 31.96 19.92 -28.95
C GLU A 143 33.40 19.43 -29.00
N VAL A 144 33.57 18.11 -28.92
CA VAL A 144 34.90 17.54 -28.77
C VAL A 144 35.13 16.50 -29.87
N GLU A 145 34.32 15.42 -29.90
CA GLU A 145 34.27 14.52 -31.08
C GLU A 145 32.81 14.35 -31.46
N GLY A 146 32.22 15.37 -32.08
CA GLY A 146 30.82 15.34 -32.45
C GLY A 146 29.90 15.16 -31.27
N ASN A 147 30.46 15.14 -30.07
CA ASN A 147 29.71 15.03 -28.83
C ASN A 147 29.71 16.39 -28.14
N ILE A 148 28.52 16.86 -27.77
CA ILE A 148 28.38 18.07 -26.98
C ILE A 148 28.68 17.70 -25.53
N ILE A 149 29.82 18.17 -25.02
CA ILE A 149 30.26 17.77 -23.69
C ILE A 149 30.25 18.98 -22.76
N LYS A 150 30.22 18.68 -21.47
CA LYS A 150 30.37 19.67 -20.41
C LYS A 150 31.25 19.06 -19.34
N TYR A 151 32.41 19.65 -19.10
CA TYR A 151 33.38 19.09 -18.17
C TYR A 151 33.75 20.12 -17.12
N GLY A 152 33.71 19.71 -15.86
CA GLY A 152 34.15 20.52 -14.75
C GLY A 152 35.50 20.01 -14.24
N VAL A 153 36.41 20.96 -14.01
CA VAL A 153 37.77 20.66 -13.58
C VAL A 153 37.91 21.11 -12.14
N THR A 154 38.35 20.20 -11.27
CA THR A 154 38.51 20.49 -9.86
C THR A 154 39.79 19.84 -9.37
N SER A 155 40.25 20.29 -8.20
CA SER A 155 41.46 19.73 -7.60
C SER A 155 41.18 18.34 -7.03
N LYS A 156 42.05 17.39 -7.38
CA LYS A 156 41.90 16.04 -6.84
C LYS A 156 42.05 16.02 -5.33
N LYS A 157 42.85 16.94 -4.77
CA LYS A 157 43.06 16.96 -3.32
C LYS A 157 41.79 17.33 -2.58
N ASP A 158 41.06 18.34 -3.06
CA ASP A 158 39.85 18.77 -2.37
C ASP A 158 38.69 17.80 -2.59
N VAL A 159 38.76 16.94 -3.61
CA VAL A 159 37.78 15.88 -3.75
C VAL A 159 38.04 14.77 -2.74
N TYR A 160 39.29 14.35 -2.62
CA TYR A 160 39.64 13.30 -1.66
C TYR A 160 39.40 13.77 -0.23
N GLU A 161 39.66 15.05 0.05
CA GLU A 161 39.39 15.57 1.38
C GLU A 161 37.90 15.55 1.69
N ASP A 162 37.06 15.82 0.69
CA ASP A 162 35.62 15.74 0.89
C ASP A 162 35.14 14.30 0.97
N LEU A 163 35.79 13.39 0.23
CA LEU A 163 35.38 11.99 0.23
C LEU A 163 35.64 11.31 1.57
N LYS A 164 36.53 11.85 2.40
CA LYS A 164 36.86 11.22 3.67
C LYS A 164 36.52 12.06 4.89
N ASN A 165 36.20 13.35 4.71
CA ASN A 165 35.86 14.22 5.84
C ASN A 165 34.47 14.84 5.74
N TRP A 166 33.87 14.88 4.56
CA TRP A 166 32.56 15.53 4.35
C TRP A 166 32.57 16.97 4.83
N ASN A 167 33.58 17.73 4.39
CA ASN A 167 33.66 19.14 4.76
C ASN A 167 32.42 19.89 4.31
N THR A 168 32.02 19.68 3.05
CA THR A 168 30.78 20.21 2.53
C THR A 168 29.87 19.14 1.93
N MET A 169 30.42 17.97 1.62
CA MET A 169 29.71 16.88 0.93
C MET A 169 29.17 17.30 -0.43
N TYR A 170 29.54 18.48 -0.93
CA TYR A 170 29.11 18.88 -2.26
C TYR A 170 29.72 17.98 -3.33
N LEU A 171 30.95 17.51 -3.10
CA LEU A 171 31.59 16.58 -4.01
C LEU A 171 31.29 15.14 -3.65
N ALA A 172 31.31 14.80 -2.36
CA ALA A 172 31.09 13.42 -1.95
C ALA A 172 29.68 12.96 -2.31
N GLY A 173 28.68 13.84 -2.17
CA GLY A 173 27.32 13.47 -2.49
C GLY A 173 27.15 13.07 -3.94
N ARG A 174 27.97 13.61 -4.84
CA ARG A 174 27.89 13.22 -6.24
C ARG A 174 28.33 11.78 -6.45
N PHE A 175 29.27 11.30 -5.64
CA PHE A 175 29.79 9.95 -5.79
C PHE A 175 29.07 8.92 -4.93
N GLN A 176 28.10 9.34 -4.12
CA GLN A 176 27.20 8.41 -3.45
C GLN A 176 26.14 7.85 -4.41
N LYS A 177 26.16 8.26 -5.67
CA LYS A 177 25.24 7.84 -6.70
C LYS A 177 26.01 7.14 -7.81
N PRO A 178 25.34 6.37 -8.67
CA PRO A 178 26.06 5.67 -9.75
C PRO A 178 26.79 6.65 -10.66
N VAL A 179 28.10 6.42 -10.79
CA VAL A 179 28.95 7.17 -11.72
C VAL A 179 29.85 6.18 -12.44
N VAL A 180 30.45 6.65 -13.53
CA VAL A 180 31.38 5.85 -14.33
C VAL A 180 32.75 6.52 -14.27
N ILE A 181 33.77 5.75 -13.88
CA ILE A 181 35.13 6.25 -13.78
C ILE A 181 35.88 5.81 -15.02
N LEU A 182 36.21 6.78 -15.89
CA LEU A 182 36.91 6.47 -17.14
C LEU A 182 38.42 6.36 -16.96
N LYS A 183 38.98 7.02 -15.94
CA LYS A 183 40.42 7.07 -15.76
C LYS A 183 40.73 7.16 -14.27
N GLY A 184 41.78 6.47 -13.85
CA GLY A 184 42.16 6.46 -12.44
C GLY A 184 41.19 5.72 -11.56
N GLU A 185 40.73 4.54 -12.00
CA GLU A 185 39.63 3.85 -11.33
C GLU A 185 40.04 3.33 -9.96
N ASP A 186 41.03 2.43 -9.93
CA ASP A 186 41.33 1.71 -8.69
C ASP A 186 41.83 2.65 -7.60
N GLU A 187 42.49 3.74 -7.96
CA GLU A 187 42.90 4.72 -6.96
C GLU A 187 41.68 5.45 -6.40
N PHE A 188 40.70 5.73 -7.25
CA PHE A 188 39.50 6.44 -6.81
C PHE A 188 38.56 5.55 -6.02
N TYR A 189 38.46 4.27 -6.37
CA TYR A 189 37.56 3.37 -5.65
C TYR A 189 37.95 3.26 -4.18
N LYS A 190 39.26 3.22 -3.89
CA LYS A 190 39.70 3.09 -2.51
C LYS A 190 39.29 4.30 -1.67
N GLU A 191 39.32 5.49 -2.26
CA GLU A 191 38.98 6.69 -1.52
C GLU A 191 37.47 6.85 -1.33
N ASN A 192 36.68 6.36 -2.27
CA ASN A 192 35.23 6.53 -2.22
C ASN A 192 34.54 5.44 -1.39
N SER A 193 35.23 4.35 -1.06
CA SER A 193 34.60 3.25 -0.35
C SER A 193 34.03 3.70 1.00
N TYR A 194 34.81 4.49 1.74
CA TYR A 194 34.31 4.99 3.03
C TYR A 194 33.17 5.97 2.85
N ASN A 195 33.16 6.72 1.75
CA ASN A 195 32.05 7.64 1.48
C ASN A 195 30.75 6.88 1.21
N LEU A 196 30.82 5.84 0.37
CA LEU A 196 29.64 5.02 0.11
C LEU A 196 29.13 4.37 1.39
N SER A 197 30.03 3.77 2.17
CA SER A 197 29.63 3.16 3.44
C SER A 197 28.96 4.19 4.35
N SER A 198 29.53 5.40 4.41
CA SER A 198 28.95 6.42 5.26
C SER A 198 27.58 6.84 4.78
N ALA A 199 27.36 6.86 3.46
CA ALA A 199 26.06 7.22 2.92
C ALA A 199 24.98 6.24 3.35
N LEU A 200 25.27 4.94 3.27
CA LEU A 200 24.32 3.93 3.71
C LEU A 200 24.05 4.05 5.21
N HIS A 201 25.07 4.39 6.00
CA HIS A 201 24.87 4.51 7.44
C HIS A 201 23.94 5.66 7.78
N VAL A 202 24.03 6.78 7.06
CA VAL A 202 23.11 7.88 7.30
C VAL A 202 21.69 7.47 6.90
N GLY A 203 21.56 6.69 5.82
CA GLY A 203 20.27 6.14 5.47
C GLY A 203 19.68 5.27 6.55
N LEU A 204 20.50 4.34 7.09
CA LEU A 204 20.04 3.50 8.19
C LEU A 204 19.70 4.33 9.42
N LEU A 205 20.33 5.49 9.58
CA LEU A 205 20.00 6.36 10.69
C LEU A 205 18.62 6.97 10.53
N MET A 206 18.17 7.15 9.29
CA MET A 206 16.91 7.83 9.02
C MET A 206 15.73 6.88 8.92
N LEU A 207 15.92 5.72 8.29
CA LEU A 207 14.85 4.74 8.13
C LEU A 207 14.64 3.93 9.41
N ALA A 208 13.42 3.47 9.60
CA ALA A 208 13.02 2.81 10.84
C ALA A 208 13.38 1.33 10.87
N ASP A 209 12.58 0.55 11.60
CA ASP A 209 12.88 -0.87 11.79
C ASP A 209 12.78 -1.63 10.47
N ARG A 210 11.68 -1.43 9.73
CA ARG A 210 11.45 -2.10 8.47
C ARG A 210 11.41 -1.05 7.36
N PHE A 211 12.25 -1.25 6.35
CA PHE A 211 12.35 -0.32 5.23
C PHE A 211 12.60 -1.13 3.96
N THR A 212 12.22 -0.53 2.84
CA THR A 212 12.49 -1.14 1.55
C THR A 212 13.73 -0.50 0.93
N GLU A 213 14.32 -1.20 -0.06
CA GLU A 213 15.49 -0.66 -0.74
C GLU A 213 15.15 0.62 -1.49
N PHE A 214 13.90 0.75 -1.93
CA PHE A 214 13.47 1.99 -2.57
C PHE A 214 13.53 3.17 -1.61
N ASP A 215 13.03 2.97 -0.38
CA ASP A 215 13.12 4.05 0.62
C ASP A 215 14.56 4.42 0.92
N LEU A 216 15.48 3.46 0.81
CA LEU A 216 16.88 3.73 1.10
C LEU A 216 17.54 4.54 -0.01
N TYR A 217 17.36 4.12 -1.25
CA TYR A 217 17.94 4.86 -2.38
C TYR A 217 17.34 6.26 -2.48
N LYS A 218 16.01 6.37 -2.35
CA LYS A 218 15.38 7.68 -2.37
C LYS A 218 15.90 8.58 -1.26
N THR A 219 16.25 8.00 -0.11
CA THR A 219 16.79 8.78 0.98
C THR A 219 18.23 9.22 0.68
N ILE A 220 19.05 8.31 0.15
CA ILE A 220 20.42 8.65 -0.18
C ILE A 220 20.44 9.75 -1.24
N VAL A 221 19.54 9.68 -2.21
CA VAL A 221 19.46 10.70 -3.25
C VAL A 221 19.03 12.05 -2.65
N SER A 222 18.09 12.02 -1.69
CA SER A 222 17.65 13.24 -1.02
C SER A 222 18.77 13.91 -0.25
N LEU A 223 19.84 13.17 0.09
CA LEU A 223 20.93 13.77 0.83
C LEU A 223 21.76 14.70 -0.05
N SER A 224 21.96 14.33 -1.31
CA SER A 224 22.81 15.08 -2.22
C SER A 224 22.03 15.88 -3.25
N TYR A 225 20.69 15.97 -3.10
CA TYR A 225 19.89 16.65 -4.12
C TYR A 225 20.22 18.13 -4.17
N LEU A 226 20.17 18.82 -3.03
CA LEU A 226 20.46 20.25 -3.02
C LEU A 226 21.92 20.52 -3.37
N GLY A 227 22.83 19.68 -2.88
CA GLY A 227 24.24 19.89 -3.18
C GLY A 227 24.58 19.71 -4.64
N ASP A 228 23.87 18.81 -5.33
CA ASP A 228 24.12 18.62 -6.75
C ASP A 228 23.57 19.78 -7.57
N ILE A 229 22.50 20.42 -7.09
CA ILE A 229 22.00 21.62 -7.76
C ILE A 229 22.96 22.78 -7.54
N ARG A 230 23.52 22.89 -6.34
CA ARG A 230 24.44 23.99 -6.04
C ARG A 230 25.74 23.86 -6.82
N MET A 231 26.19 22.64 -7.11
CA MET A 231 27.41 22.41 -7.85
C MET A 231 27.18 22.24 -9.35
N SER A 232 25.93 22.40 -9.82
CA SER A 232 25.58 22.19 -11.23
C SER A 232 25.88 20.76 -11.68
N PHE A 233 25.86 19.81 -10.75
CA PHE A 233 26.05 18.40 -11.09
C PHE A 233 24.81 17.81 -11.77
N ALA A 234 23.65 17.95 -11.12
CA ALA A 234 22.44 17.30 -11.57
C ALA A 234 22.04 17.79 -12.96
N ALA A 235 21.03 17.11 -13.52
CA ALA A 235 20.49 17.50 -14.82
C ALA A 235 20.12 18.97 -14.84
N GLU A 236 20.38 19.63 -15.97
CA GLU A 236 20.22 21.08 -16.06
C GLU A 236 18.82 21.51 -15.64
N ASN A 237 17.83 20.65 -15.87
CA ASN A 237 16.55 20.78 -15.19
C ASN A 237 16.39 19.57 -14.28
N PRO A 238 16.30 19.75 -12.96
CA PRO A 238 16.35 18.60 -12.05
C PRO A 238 15.22 17.60 -12.28
N ARG A 239 15.54 16.33 -12.05
CA ARG A 239 14.60 15.23 -12.16
C ARG A 239 14.02 14.90 -10.79
N LYS A 240 12.97 14.09 -10.80
CA LYS A 240 12.31 13.70 -9.57
C LYS A 240 13.07 12.58 -8.88
N VAL A 241 12.95 12.53 -7.55
CA VAL A 241 13.69 11.54 -6.76
C VAL A 241 13.31 10.13 -7.21
N GLU A 242 12.01 9.87 -7.36
CA GLU A 242 11.55 8.55 -7.78
C GLU A 242 12.12 8.15 -9.13
N ASN A 243 12.20 9.10 -10.07
CA ASN A 243 12.68 8.77 -11.41
C ASN A 243 14.18 8.51 -11.42
N ILE A 244 14.94 9.22 -10.58
CA ILE A 244 16.38 9.00 -10.52
C ILE A 244 16.68 7.58 -10.08
N VAL A 245 15.99 7.11 -9.04
CA VAL A 245 16.25 5.78 -8.50
C VAL A 245 15.67 4.71 -9.42
N SER A 246 14.43 4.89 -9.87
CA SER A 246 13.76 3.85 -10.63
C SER A 246 14.51 3.53 -11.92
N LYS A 247 15.08 4.55 -12.56
CA LYS A 247 15.78 4.34 -13.83
C LYS A 247 17.20 3.85 -13.65
N GLN A 248 17.79 4.00 -12.46
CA GLN A 248 19.14 3.52 -12.18
C GLN A 248 19.12 2.47 -11.08
N ILE A 249 18.04 1.69 -10.99
CA ILE A 249 17.88 0.75 -9.88
C ILE A 249 18.94 -0.33 -9.92
N ALA A 250 19.37 -0.75 -11.11
CA ALA A 250 20.37 -1.81 -11.21
C ALA A 250 21.71 -1.37 -10.65
N PHE A 251 22.05 -0.09 -10.79
CA PHE A 251 23.33 0.41 -10.32
C PHE A 251 23.27 0.86 -8.87
N PHE A 252 22.12 1.33 -8.40
CA PHE A 252 21.95 1.55 -6.97
C PHE A 252 22.05 0.25 -6.19
N ARG A 253 21.57 -0.85 -6.78
CA ARG A 253 21.69 -2.15 -6.11
C ARG A 253 23.13 -2.64 -6.13
N LYS A 254 23.80 -2.52 -7.28
CA LYS A 254 25.21 -2.92 -7.34
C LYS A 254 26.07 -2.15 -6.36
N LEU A 255 25.67 -0.93 -6.01
CA LEU A 255 26.48 -0.13 -5.09
C LEU A 255 26.22 -0.52 -3.64
N TYR A 256 24.96 -0.61 -3.24
CA TYR A 256 24.60 -0.64 -1.83
C TYR A 256 24.12 -1.99 -1.32
N LEU A 257 23.64 -2.87 -2.19
CA LEU A 257 23.25 -4.20 -1.73
C LEU A 257 24.40 -4.97 -1.10
N PRO A 258 25.62 -5.00 -1.67
CA PRO A 258 26.73 -5.67 -0.94
C PRO A 258 27.03 -5.03 0.39
N LEU A 259 26.89 -3.71 0.51
CA LEU A 259 27.12 -3.06 1.80
C LEU A 259 26.03 -3.42 2.79
N LEU A 260 24.81 -3.70 2.31
CA LEU A 260 23.75 -4.11 3.23
C LEU A 260 23.94 -5.54 3.69
N TYR A 261 24.41 -6.42 2.79
CA TYR A 261 24.67 -7.80 3.17
C TYR A 261 25.78 -7.89 4.20
N ALA A 262 26.79 -7.02 4.09
CA ALA A 262 27.91 -7.05 5.01
C ALA A 262 27.63 -6.29 6.29
N GLU A 263 26.74 -5.30 6.25
CA GLU A 263 26.46 -4.48 7.42
C GLU A 263 25.85 -5.34 8.53
N PRO A 264 26.47 -5.41 9.70
CA PRO A 264 25.90 -6.24 10.77
C PRO A 264 24.64 -5.62 11.35
N GLY A 265 23.62 -6.46 11.54
CA GLY A 265 22.36 -6.04 12.11
C GLY A 265 21.27 -5.71 11.11
N VAL A 266 21.55 -5.82 9.81
CA VAL A 266 20.59 -5.52 8.75
C VAL A 266 20.32 -6.82 8.01
N HIS A 267 19.10 -7.33 8.12
CA HIS A 267 18.73 -8.63 7.59
C HIS A 267 17.83 -8.47 6.37
N PHE A 268 18.07 -9.29 5.36
CA PHE A 268 17.18 -9.37 4.21
C PHE A 268 15.94 -10.18 4.59
N ILE A 269 14.77 -9.68 4.22
CA ILE A 269 13.53 -10.39 4.51
C ILE A 269 13.19 -11.39 3.41
N GLU A 270 13.46 -11.04 2.16
CA GLU A 270 13.15 -11.94 1.06
C GLU A 270 14.10 -13.14 1.06
N SER A 271 13.57 -14.30 0.67
CA SER A 271 14.35 -15.52 0.67
C SER A 271 15.37 -15.52 -0.46
N SER A 272 16.29 -16.48 -0.40
CA SER A 272 17.34 -16.57 -1.41
C SER A 272 16.81 -17.04 -2.76
N GLU A 273 15.61 -17.62 -2.79
CA GLU A 273 15.06 -18.08 -4.07
C GLU A 273 14.66 -16.91 -4.95
N VAL A 274 14.06 -15.86 -4.35
CA VAL A 274 13.65 -14.71 -5.14
C VAL A 274 14.85 -13.84 -5.52
N LEU A 275 15.92 -13.85 -4.71
CA LEU A 275 17.10 -13.07 -5.05
C LEU A 275 17.84 -13.67 -6.23
N LYS A 276 17.87 -15.00 -6.32
CA LYS A 276 18.51 -15.67 -7.45
C LYS A 276 17.69 -15.60 -8.73
N SER A 277 16.43 -15.19 -8.65
CA SER A 277 15.56 -15.10 -9.82
C SER A 277 15.24 -13.66 -10.21
N MET A 278 15.82 -12.68 -9.52
CA MET A 278 15.53 -11.28 -9.77
C MET A 278 16.62 -10.65 -10.63
N ASP A 279 16.22 -9.99 -11.71
CA ASP A 279 17.14 -9.17 -12.48
C ASP A 279 17.40 -7.87 -11.72
N PRO A 280 18.64 -7.38 -11.72
CA PRO A 280 18.93 -6.15 -10.97
C PRO A 280 18.10 -4.95 -11.42
N SER A 281 17.78 -4.86 -12.72
CA SER A 281 17.00 -3.75 -13.24
C SER A 281 15.49 -3.92 -13.07
N ASP A 282 15.06 -4.82 -12.18
CA ASP A 282 13.64 -5.06 -11.97
C ASP A 282 13.05 -4.03 -11.02
N ASN A 283 11.99 -3.37 -11.45
CA ASN A 283 11.26 -2.43 -10.62
C ASN A 283 9.92 -2.99 -10.14
N SER A 284 9.61 -4.24 -10.47
CA SER A 284 8.34 -4.82 -10.06
C SER A 284 8.33 -5.18 -8.58
N ARG A 285 9.49 -5.49 -8.02
CA ARG A 285 9.61 -5.86 -6.61
C ARG A 285 10.79 -5.12 -6.01
N TYR A 286 10.58 -4.50 -4.86
CA TYR A 286 11.65 -3.88 -4.09
C TYR A 286 11.88 -4.69 -2.83
N LEU A 287 13.15 -4.98 -2.54
CA LEU A 287 13.48 -5.79 -1.38
C LEU A 287 13.21 -5.03 -0.10
N SER A 288 12.66 -5.73 0.89
CA SER A 288 12.44 -5.18 2.22
C SER A 288 13.53 -5.67 3.17
N PHE A 289 13.81 -4.86 4.18
CA PHE A 289 14.87 -5.14 5.13
C PHE A 289 14.34 -4.95 6.54
N HIS A 290 15.04 -5.57 7.49
CA HIS A 290 14.87 -5.30 8.91
C HIS A 290 16.24 -4.95 9.48
N GLN A 291 16.27 -4.02 10.44
CA GLN A 291 17.51 -3.64 11.10
C GLN A 291 17.30 -3.58 12.61
N ASN A 292 18.32 -4.00 13.36
CA ASN A 292 18.30 -3.92 14.81
C ASN A 292 18.55 -2.48 15.24
N ILE A 293 17.64 -1.91 16.02
CA ILE A 293 17.71 -0.51 16.43
C ILE A 293 17.78 -0.48 17.95
N THR A 294 18.99 -0.34 18.48
CA THR A 294 19.24 -0.15 19.90
C THR A 294 19.86 1.21 20.12
N LYS A 295 20.09 1.57 21.39
CA LYS A 295 20.83 2.79 21.68
C LYS A 295 22.29 2.66 21.27
N ASP A 296 22.85 1.45 21.36
CA ASP A 296 24.24 1.24 20.97
C ASP A 296 24.39 1.21 19.45
N SER A 297 23.39 0.66 18.76
CA SER A 297 23.45 0.59 17.30
C SER A 297 23.41 1.98 16.68
N ILE A 298 22.58 2.87 17.20
CA ILE A 298 22.49 4.22 16.67
C ILE A 298 23.77 5.00 16.97
N SER A 299 24.25 4.92 18.22
CA SER A 299 25.49 5.60 18.56
C SER A 299 26.67 5.05 17.77
N ARG A 300 26.68 3.75 17.49
CA ARG A 300 27.71 3.18 16.63
C ARG A 300 27.63 3.75 15.22
N LEU A 301 26.41 3.88 14.69
CA LEU A 301 26.23 4.46 13.36
C LEU A 301 26.64 5.93 13.35
N LEU A 302 26.17 6.69 14.35
CA LEU A 302 26.38 8.13 14.37
C LEU A 302 27.85 8.47 14.51
N ASN A 303 28.55 7.82 15.44
CA ASN A 303 29.94 8.17 15.72
C ASN A 303 30.90 7.69 14.65
N GLY A 304 30.46 6.86 13.71
CA GLY A 304 31.33 6.33 12.68
C GLY A 304 31.27 7.10 11.38
N LEU A 305 30.73 8.31 11.43
CA LEU A 305 30.60 9.18 10.27
C LEU A 305 31.53 10.38 10.39
N PRO A 306 31.87 11.02 9.26
CA PRO A 306 32.95 12.03 9.29
C PRO A 306 32.57 13.38 9.87
N LEU A 307 31.31 13.64 10.20
CA LEU A 307 30.84 14.98 10.52
C LEU A 307 30.44 15.15 11.99
N ASN A 308 31.23 14.60 12.92
CA ASN A 308 31.00 14.74 14.36
C ASN A 308 32.26 15.27 15.02
N LEU A 309 32.47 16.60 14.90
CA LEU A 309 33.64 17.27 15.46
C LEU A 309 34.94 16.65 14.95
N CYS B 27 -10.08 23.32 16.42
CA CYS B 27 -9.42 23.54 15.14
C CYS B 27 -9.49 22.31 14.25
N THR B 28 -9.46 22.53 12.94
CA THR B 28 -9.56 21.45 11.97
C THR B 28 -8.55 21.68 10.85
N VAL B 29 -8.30 20.61 10.09
CA VAL B 29 -7.36 20.69 8.97
C VAL B 29 -7.84 21.69 7.93
N ALA B 30 -9.16 21.78 7.72
CA ALA B 30 -9.69 22.76 6.77
C ALA B 30 -9.40 24.18 7.23
N GLN B 31 -9.53 24.45 8.54
CA GLN B 31 -9.20 25.77 9.06
C GLN B 31 -7.74 26.12 8.83
N LEU B 32 -6.86 25.11 8.83
CA LEU B 32 -5.44 25.35 8.57
C LEU B 32 -5.19 25.83 7.15
N LEU B 33 -6.12 25.60 6.23
CA LEU B 33 -5.88 25.97 4.83
C LEU B 33 -6.07 27.45 4.58
N LYS B 34 -7.00 28.09 5.29
CA LYS B 34 -7.30 29.51 5.10
C LYS B 34 -6.61 30.38 6.13
N GLN B 35 -5.37 30.04 6.49
CA GLN B 35 -4.60 30.83 7.44
C GLN B 35 -4.05 32.08 6.77
N ASN B 36 -4.03 33.18 7.50
CA ASN B 36 -3.56 34.46 6.98
C ASN B 36 -2.06 34.40 6.76
N LEU B 37 -1.65 34.19 5.50
CA LEU B 37 -0.22 34.17 5.19
C LEU B 37 0.40 35.55 5.28
N LEU B 38 -0.39 36.62 5.19
CA LEU B 38 0.18 37.97 5.25
C LEU B 38 0.67 38.31 6.64
N THR B 39 0.00 37.80 7.68
CA THR B 39 0.45 37.96 9.06
C THR B 39 1.31 36.78 9.52
N PHE B 40 1.72 35.90 8.60
CA PHE B 40 2.56 34.75 8.93
C PHE B 40 1.90 33.87 10.00
N GLU B 41 0.60 33.65 9.87
CA GLU B 41 -0.13 32.84 10.84
C GLU B 41 0.31 31.38 10.80
N ASN B 42 0.85 30.92 9.66
CA ASN B 42 1.31 29.54 9.57
C ASN B 42 2.53 29.26 10.43
N GLN B 43 3.25 30.31 10.84
CA GLN B 43 4.43 30.14 11.68
C GLN B 43 4.16 30.37 13.15
N ARG B 44 3.07 31.05 13.50
CA ARG B 44 2.78 31.39 14.89
C ARG B 44 2.46 30.15 15.71
N ILE B 45 3.48 29.32 15.96
CA ILE B 45 3.31 28.11 16.77
C ILE B 45 3.63 28.47 18.21
N GLN B 46 2.61 28.54 19.05
CA GLN B 46 2.80 28.80 20.47
C GLN B 46 2.50 27.55 21.28
N PRO B 47 3.24 27.31 22.36
CA PRO B 47 3.04 26.07 23.13
C PRO B 47 1.98 26.21 24.21
N GLU B 48 1.94 25.23 25.12
CA GLU B 48 1.01 25.29 26.24
C GLU B 48 1.26 26.53 27.08
N GLU B 49 0.19 27.08 27.66
CA GLU B 49 0.32 28.30 28.44
C GLU B 49 1.22 28.11 29.65
N GLU B 50 1.19 26.93 30.27
CA GLU B 50 2.10 26.66 31.38
C GLU B 50 3.54 26.51 30.91
N LEU B 51 3.74 25.80 29.80
CA LEU B 51 5.08 25.62 29.26
C LEU B 51 5.63 26.90 28.66
N LYS B 52 4.76 27.76 28.11
CA LYS B 52 5.22 29.00 27.48
C LYS B 52 5.81 29.95 28.53
N GLU B 53 5.11 30.12 29.66
CA GLU B 53 5.66 30.96 30.71
C GLU B 53 6.89 30.33 31.35
N ASN B 54 6.95 29.00 31.40
CA ASN B 54 8.15 28.33 31.89
C ASN B 54 9.33 28.54 30.96
N LEU B 55 9.08 28.75 29.66
CA LEU B 55 10.16 28.97 28.71
C LEU B 55 10.63 30.43 28.71
N THR B 56 9.68 31.38 28.73
CA THR B 56 10.08 32.79 28.77
C THR B 56 10.70 33.17 30.11
N LYS B 57 10.45 32.40 31.17
CA LYS B 57 11.18 32.60 32.41
C LYS B 57 12.65 32.28 32.23
N VAL B 58 12.95 31.27 31.40
CA VAL B 58 14.35 30.93 31.11
C VAL B 58 14.97 31.97 30.18
N VAL B 59 14.19 32.45 29.20
CA VAL B 59 14.73 33.40 28.23
C VAL B 59 14.96 34.75 28.88
N ASN B 60 14.01 35.23 29.69
CA ASN B 60 14.15 36.52 30.34
C ASN B 60 15.16 36.49 31.48
N TYR B 61 15.60 35.31 31.92
CA TYR B 61 16.61 35.24 32.97
C TYR B 61 17.95 35.81 32.50
N PHE B 62 18.30 35.56 31.23
CA PHE B 62 19.57 36.04 30.70
C PHE B 62 19.58 37.56 30.65
N GLN B 63 20.63 38.15 31.23
CA GLN B 63 20.74 39.61 31.25
C GLN B 63 21.21 40.16 29.91
N ALA B 64 22.03 39.40 29.18
CA ALA B 64 22.50 39.84 27.89
C ALA B 64 21.34 39.97 26.90
N PRO B 65 21.39 40.93 25.97
CA PRO B 65 20.24 41.21 25.11
C PRO B 65 20.06 40.16 24.02
N ILE B 66 18.95 39.43 24.10
CA ILE B 66 18.58 38.43 23.11
C ILE B 66 17.54 39.02 22.17
N ASP B 67 17.80 38.94 20.87
CA ASP B 67 16.88 39.49 19.88
C ASP B 67 15.80 38.49 19.46
N VAL B 68 16.20 37.28 19.10
CA VAL B 68 15.27 36.24 18.67
C VAL B 68 15.60 34.98 19.46
N ALA B 69 14.67 34.57 20.33
CA ALA B 69 14.82 33.36 21.12
C ALA B 69 14.02 32.23 20.46
N VAL B 70 14.69 31.15 20.12
CA VAL B 70 14.09 30.02 19.43
C VAL B 70 14.08 28.82 20.36
N GLY B 71 12.98 28.09 20.37
CA GLY B 71 12.88 26.86 21.12
C GLY B 71 12.55 25.68 20.22
N TYR B 72 13.27 24.58 20.39
CA TYR B 72 13.08 23.43 19.53
C TYR B 72 13.48 22.17 20.30
N GLY B 73 13.21 21.02 19.70
CA GLY B 73 13.61 19.76 20.29
C GLY B 73 12.52 19.12 21.12
N SER B 74 12.93 18.10 21.88
CA SER B 74 11.99 17.32 22.67
C SER B 74 11.54 18.03 23.94
N GLY B 75 12.28 19.07 24.38
CA GLY B 75 11.85 19.82 25.53
C GLY B 75 10.72 20.78 25.25
N VAL B 76 10.50 21.11 23.98
CA VAL B 76 9.47 22.05 23.56
C VAL B 76 8.25 21.33 22.97
N PHE B 77 8.49 20.38 22.08
CA PHE B 77 7.44 19.59 21.46
C PHE B 77 7.37 18.24 22.18
N ARG B 78 6.71 18.23 23.31
CA ARG B 78 6.59 17.04 24.13
C ARG B 78 5.54 16.08 23.56
N ASN B 87 12.38 16.47 32.90
CA ASN B 87 13.24 15.33 32.65
C ASN B 87 14.15 15.49 31.41
N PRO B 88 13.60 15.90 30.26
CA PRO B 88 14.46 16.10 29.09
C PRO B 88 15.09 17.49 29.09
N MET B 89 16.13 17.63 28.28
CA MET B 89 16.86 18.89 28.14
C MET B 89 16.20 19.75 27.07
N ILE B 90 16.02 21.03 27.38
CA ILE B 90 15.37 21.98 26.47
C ILE B 90 16.44 22.70 25.66
N ASP B 91 16.27 22.70 24.34
CA ASP B 91 17.23 23.33 23.43
C ASP B 91 16.76 24.74 23.06
N PHE B 92 17.72 25.65 22.94
CA PHE B 92 17.44 27.04 22.58
C PHE B 92 18.42 27.49 21.50
N ILE B 93 18.02 28.55 20.79
CA ILE B 93 18.90 29.24 19.84
C ILE B 93 18.71 30.73 20.06
N PHE B 94 19.79 31.41 20.47
CA PHE B 94 19.76 32.84 20.72
C PHE B 94 20.40 33.56 19.54
N GLN B 95 19.62 34.39 18.86
CA GLN B 95 20.11 35.24 17.78
C GLN B 95 20.34 36.64 18.34
N VAL B 96 21.58 37.09 18.30
CA VAL B 96 21.99 38.32 18.96
C VAL B 96 22.53 39.30 17.93
N GLU B 97 22.40 40.59 18.24
CA GLU B 97 22.88 41.64 17.35
C GLU B 97 24.40 41.55 17.16
N ASP B 98 25.12 41.16 18.20
CA ASP B 98 26.57 41.06 18.13
C ASP B 98 27.07 40.04 19.14
N PRO B 99 27.79 39.00 18.71
CA PRO B 99 28.12 37.92 19.64
C PRO B 99 29.21 38.27 20.64
N VAL B 100 30.19 39.09 20.27
CA VAL B 100 31.31 39.34 21.18
C VAL B 100 30.84 40.08 22.42
N LYS B 101 30.01 41.11 22.25
CA LYS B 101 29.51 41.86 23.40
C LYS B 101 28.40 41.13 24.14
N TRP B 102 27.68 40.24 23.46
CA TRP B 102 26.69 39.43 24.15
C TRP B 102 27.37 38.44 25.10
N HIS B 103 28.42 37.77 24.63
CA HIS B 103 29.10 36.78 25.46
C HIS B 103 29.83 37.43 26.62
N LYS B 104 30.27 38.68 26.45
CA LYS B 104 30.92 39.39 27.55
C LYS B 104 29.96 39.62 28.71
N ILE B 105 28.71 39.95 28.39
CA ILE B 105 27.72 40.18 29.45
C ILE B 105 27.31 38.86 30.09
N ASN B 106 27.12 37.81 29.28
CA ASN B 106 26.73 36.53 29.82
C ASN B 106 27.87 35.85 30.59
N LEU B 107 29.12 36.19 30.28
CA LEU B 107 30.24 35.62 31.01
C LEU B 107 30.27 36.10 32.45
N GLN B 108 30.13 37.41 32.65
CA GLN B 108 30.14 37.98 33.99
C GLN B 108 28.86 37.70 34.77
N GLN B 109 27.82 37.20 34.12
CA GLN B 109 26.59 36.78 34.81
C GLN B 109 26.57 35.29 35.08
N ASN B 110 26.91 34.47 34.09
CA ASN B 110 26.93 33.01 34.23
C ASN B 110 28.26 32.48 33.72
N PRO B 111 29.33 32.64 34.51
CA PRO B 111 30.61 32.06 34.10
C PRO B 111 30.66 30.54 34.26
N SER B 112 29.74 29.96 35.04
CA SER B 112 29.70 28.52 35.20
C SER B 112 29.21 27.81 33.95
N HIS B 113 28.50 28.52 33.06
CA HIS B 113 28.04 27.90 31.82
C HIS B 113 29.20 27.54 30.91
N TYR B 114 30.24 28.37 30.90
CA TYR B 114 31.32 28.23 29.94
C TYR B 114 32.37 27.23 30.45
N SER B 115 33.28 26.87 29.55
CA SER B 115 34.45 26.04 29.86
C SER B 115 35.66 26.89 29.53
N PHE B 116 36.15 27.63 30.51
CA PHE B 116 37.21 28.61 30.31
C PHE B 116 38.59 27.98 30.51
N VAL B 117 39.62 28.74 30.14
CA VAL B 117 41.01 28.35 30.33
C VAL B 117 41.70 29.42 31.15
N LYS B 118 42.67 28.99 31.97
CA LYS B 118 43.46 29.88 32.80
C LYS B 118 44.93 29.70 32.43
N ASN B 119 45.56 30.79 31.99
CA ASN B 119 46.94 30.75 31.51
C ASN B 119 47.92 31.18 32.58
N PHE B 120 49.15 30.71 32.45
CA PHE B 120 50.22 31.10 33.36
C PHE B 120 50.94 32.37 32.93
N GLY B 121 50.82 32.76 31.66
CA GLY B 121 51.43 33.98 31.17
C GLY B 121 50.50 35.16 31.29
N PRO B 122 51.07 36.38 31.21
CA PRO B 122 50.29 37.62 31.32
C PRO B 122 49.33 37.83 30.14
N SER B 126 46.25 33.09 24.10
CA SER B 126 45.19 33.82 24.79
C SER B 126 44.24 34.48 23.79
N THR B 127 43.26 33.74 23.33
CA THR B 127 42.31 34.27 22.34
C THR B 127 41.33 35.23 23.00
N LEU B 128 40.77 36.12 22.18
CA LEU B 128 39.89 37.18 22.65
C LEU B 128 38.60 37.20 21.84
N GLN B 129 38.75 37.37 20.53
CA GLN B 129 37.61 37.56 19.64
C GLN B 129 37.39 36.41 18.67
N GLU B 130 38.42 35.59 18.41
CA GLU B 130 38.29 34.50 17.45
C GLU B 130 37.41 33.37 17.97
N SER B 131 37.19 33.30 19.28
CA SER B 131 36.39 32.23 19.86
C SER B 131 34.89 32.49 19.80
N PHE B 132 34.48 33.75 19.61
CA PHE B 132 33.07 34.09 19.63
C PHE B 132 32.55 34.76 18.37
N GLY B 133 33.43 35.29 17.53
CA GLY B 133 32.98 35.94 16.31
C GLY B 133 32.80 34.98 15.15
N THR B 134 32.31 33.77 15.46
CA THR B 134 32.18 32.73 14.45
C THR B 134 31.04 31.80 14.81
N GLY B 135 30.41 31.23 13.79
CA GLY B 135 29.44 30.17 13.92
C GLY B 135 28.43 30.31 15.04
N VAL B 136 28.10 29.19 15.69
CA VAL B 136 27.17 29.17 16.81
C VAL B 136 27.88 28.53 18.01
N TYR B 137 27.84 29.22 19.14
CA TYR B 137 28.52 28.79 20.36
C TYR B 137 27.50 28.18 21.30
N TYR B 138 27.78 26.96 21.77
CA TYR B 138 26.84 26.18 22.57
C TYR B 138 27.30 26.05 24.01
N ASN B 139 26.34 26.08 24.93
CA ASN B 139 26.56 25.76 26.34
C ASN B 139 25.57 24.67 26.71
N THR B 140 26.07 23.48 27.01
CA THR B 140 25.24 22.29 27.16
C THR B 140 25.08 21.91 28.63
N HIS B 141 23.91 21.36 28.95
CA HIS B 141 23.55 20.90 30.30
C HIS B 141 23.76 22.01 31.33
N VAL B 142 22.93 23.04 31.19
CA VAL B 142 22.96 24.22 32.03
C VAL B 142 21.61 24.35 32.72
N GLU B 143 21.63 24.45 34.04
CA GLU B 143 20.42 24.80 34.77
C GLU B 143 20.24 26.31 34.72
N VAL B 144 18.98 26.73 34.58
CA VAL B 144 18.67 28.16 34.58
C VAL B 144 17.60 28.45 35.62
N GLU B 145 16.46 27.75 35.51
CA GLU B 145 15.35 27.89 36.45
C GLU B 145 14.76 26.50 36.67
N GLY B 146 15.54 25.64 37.32
CA GLY B 146 15.13 24.26 37.54
C GLY B 146 15.05 23.44 36.28
N ASN B 147 15.52 23.95 35.15
CA ASN B 147 15.49 23.25 33.87
C ASN B 147 16.91 23.10 33.36
N ILE B 148 17.26 21.88 32.96
CA ILE B 148 18.54 21.63 32.29
C ILE B 148 18.36 22.02 30.83
N ILE B 149 19.06 23.08 30.41
CA ILE B 149 18.88 23.65 29.08
C ILE B 149 20.21 23.62 28.33
N LYS B 150 20.12 23.79 27.01
CA LYS B 150 21.29 23.89 26.14
C LYS B 150 20.98 24.97 25.11
N TYR B 151 21.69 26.09 25.17
CA TYR B 151 21.41 27.22 24.30
C TYR B 151 22.60 27.54 23.43
N GLY B 152 22.33 27.82 22.16
CA GLY B 152 23.35 28.21 21.19
C GLY B 152 23.16 29.67 20.81
N VAL B 153 24.27 30.38 20.67
CA VAL B 153 24.27 31.81 20.37
C VAL B 153 24.97 32.03 19.05
N THR B 154 24.30 32.74 18.14
CA THR B 154 24.86 33.04 16.84
C THR B 154 24.43 34.44 16.43
N SER B 155 25.07 34.95 15.38
CA SER B 155 24.77 36.29 14.90
C SER B 155 23.41 36.29 14.20
N LYS B 156 22.54 37.21 14.61
CA LYS B 156 21.26 37.39 13.93
C LYS B 156 21.47 37.80 12.48
N LYS B 157 22.56 38.50 12.18
CA LYS B 157 22.84 38.89 10.81
C LYS B 157 23.12 37.68 9.93
N ASP B 158 23.91 36.73 10.43
CA ASP B 158 24.23 35.54 9.64
C ASP B 158 23.07 34.56 9.56
N VAL B 159 22.12 34.64 10.49
CA VAL B 159 20.89 33.85 10.38
C VAL B 159 20.04 34.38 9.21
N TYR B 160 19.86 35.70 9.15
CA TYR B 160 19.06 36.29 8.09
C TYR B 160 19.74 36.14 6.73
N GLU B 161 21.08 36.15 6.69
CA GLU B 161 21.78 35.89 5.45
C GLU B 161 21.52 34.48 4.93
N ASP B 162 21.35 33.52 5.86
CA ASP B 162 21.06 32.15 5.46
C ASP B 162 19.58 31.96 5.14
N LEU B 163 18.71 32.64 5.88
CA LEU B 163 17.27 32.54 5.65
C LEU B 163 16.85 33.11 4.31
N LYS B 164 17.70 33.92 3.68
CA LYS B 164 17.36 34.57 2.42
C LYS B 164 18.18 34.09 1.24
N ASN B 165 19.41 33.63 1.47
CA ASN B 165 20.30 33.24 0.39
C ASN B 165 20.70 31.78 0.40
N TRP B 166 20.50 31.06 1.50
CA TRP B 166 20.93 29.67 1.64
C TRP B 166 22.42 29.53 1.32
N ASN B 167 23.24 30.33 2.00
CA ASN B 167 24.69 30.21 1.84
C ASN B 167 25.17 28.81 2.15
N THR B 168 24.74 28.27 3.29
CA THR B 168 24.97 26.88 3.65
C THR B 168 23.70 26.14 3.98
N MET B 169 22.61 26.83 4.30
CA MET B 169 21.34 26.26 4.75
C MET B 169 21.47 25.52 6.08
N TYR B 170 22.62 25.62 6.76
CA TYR B 170 22.75 25.00 8.07
C TYR B 170 21.80 25.64 9.07
N LEU B 171 21.63 26.95 9.00
CA LEU B 171 20.71 27.65 9.88
C LEU B 171 19.28 27.66 9.32
N ALA B 172 19.14 27.82 8.00
CA ALA B 172 17.81 27.87 7.41
C ALA B 172 17.08 26.54 7.57
N GLY B 173 17.79 25.42 7.34
CA GLY B 173 17.19 24.11 7.48
C GLY B 173 16.58 23.84 8.84
N ARG B 174 17.06 24.51 9.88
CA ARG B 174 16.48 24.32 11.21
C ARG B 174 15.09 24.93 11.29
N PHE B 175 14.88 26.05 10.61
CA PHE B 175 13.60 26.77 10.68
C PHE B 175 12.63 26.37 9.59
N GLN B 176 12.98 25.37 8.77
CA GLN B 176 12.03 24.74 7.87
C GLN B 176 11.16 23.71 8.58
N LYS B 177 11.38 23.50 9.87
CA LYS B 177 10.67 22.54 10.70
C LYS B 177 10.02 23.28 11.86
N PRO B 178 9.03 22.66 12.52
CA PRO B 178 8.32 23.35 13.61
C PRO B 178 9.29 23.79 14.71
N VAL B 179 9.28 25.10 14.99
CA VAL B 179 10.03 25.69 16.08
C VAL B 179 9.13 26.71 16.77
N VAL B 180 9.48 27.03 18.02
CA VAL B 180 8.75 28.00 18.81
C VAL B 180 9.62 29.24 18.98
N ILE B 181 9.06 30.41 18.71
CA ILE B 181 9.76 31.68 18.82
C ILE B 181 9.30 32.36 20.09
N LEU B 182 10.16 32.37 21.12
CA LEU B 182 9.82 32.97 22.40
C LEU B 182 10.01 34.48 22.42
N LYS B 183 10.79 35.03 21.49
CA LYS B 183 11.09 36.46 21.46
C LYS B 183 11.41 36.87 20.04
N GLY B 184 10.99 38.08 19.69
CA GLY B 184 11.23 38.61 18.35
C GLY B 184 10.44 37.90 17.27
N GLU B 185 9.16 37.62 17.55
CA GLU B 185 8.37 36.79 16.65
C GLU B 185 8.12 37.47 15.31
N ASP B 186 7.47 38.64 15.34
CA ASP B 186 6.99 39.25 14.10
C ASP B 186 8.13 39.65 13.19
N GLU B 187 9.29 40.01 13.75
CA GLU B 187 10.44 40.35 12.92
C GLU B 187 11.11 39.10 12.37
N PHE B 188 11.03 37.98 13.09
CA PHE B 188 11.64 36.74 12.58
C PHE B 188 10.74 36.05 11.56
N TYR B 189 9.42 36.10 11.76
CA TYR B 189 8.51 35.46 10.83
C TYR B 189 8.67 36.03 9.43
N LYS B 190 8.82 37.35 9.31
CA LYS B 190 8.93 37.97 7.99
C LYS B 190 10.16 37.48 7.24
N GLU B 191 11.27 37.24 7.95
CA GLU B 191 12.48 36.78 7.30
C GLU B 191 12.41 35.29 6.95
N ASN B 192 11.63 34.51 7.71
CA ASN B 192 11.55 33.07 7.49
C ASN B 192 10.51 32.67 6.45
N SER B 193 9.61 33.58 6.08
CA SER B 193 8.52 33.21 5.17
C SER B 193 9.05 32.77 3.81
N TYR B 194 10.07 33.46 3.29
CA TYR B 194 10.67 33.04 2.03
C TYR B 194 11.44 31.74 2.18
N ASN B 195 11.96 31.46 3.38
CA ASN B 195 12.65 30.20 3.60
C ASN B 195 11.69 29.02 3.56
N LEU B 196 10.57 29.14 4.27
CA LEU B 196 9.55 28.09 4.24
C LEU B 196 9.01 27.88 2.84
N SER B 197 8.70 28.97 2.13
CA SER B 197 8.18 28.84 0.77
C SER B 197 9.20 28.17 -0.15
N SER B 198 10.48 28.50 0.02
CA SER B 198 11.50 27.89 -0.82
C SER B 198 11.67 26.41 -0.50
N ALA B 199 11.48 26.02 0.76
CA ALA B 199 11.60 24.62 1.14
C ALA B 199 10.51 23.79 0.49
N LEU B 200 9.26 24.27 0.52
CA LEU B 200 8.18 23.56 -0.15
C LEU B 200 8.41 23.45 -1.65
N HIS B 201 9.03 24.46 -2.25
CA HIS B 201 9.31 24.41 -3.68
C HIS B 201 10.31 23.32 -4.00
N VAL B 202 11.30 23.11 -3.13
CA VAL B 202 12.28 22.05 -3.37
C VAL B 202 11.61 20.68 -3.24
N GLY B 203 10.71 20.54 -2.27
CA GLY B 203 9.95 19.31 -2.15
C GLY B 203 9.15 19.00 -3.41
N LEU B 204 8.48 20.02 -3.95
CA LEU B 204 7.73 19.84 -5.20
C LEU B 204 8.65 19.48 -6.36
N LEU B 205 9.91 19.94 -6.30
CA LEU B 205 10.86 19.55 -7.34
C LEU B 205 11.19 18.08 -7.28
N MET B 206 11.18 17.49 -6.07
CA MET B 206 11.59 16.11 -5.87
C MET B 206 10.42 15.12 -5.98
N LEU B 207 9.25 15.52 -5.51
CA LEU B 207 8.07 14.65 -5.57
C LEU B 207 7.45 14.68 -6.97
N ALA B 208 6.76 13.58 -7.31
CA ALA B 208 6.23 13.39 -8.65
C ALA B 208 4.85 14.01 -8.83
N ASP B 209 4.07 13.47 -9.77
CA ASP B 209 2.76 14.01 -10.08
C ASP B 209 1.82 13.90 -8.89
N ARG B 210 1.77 12.72 -8.28
CA ARG B 210 0.90 12.47 -7.13
C ARG B 210 1.77 12.17 -5.91
N PHE B 211 1.52 12.90 -4.82
CA PHE B 211 2.29 12.72 -3.61
C PHE B 211 1.37 12.98 -2.41
N THR B 212 1.75 12.41 -1.28
CA THR B 212 1.04 12.64 -0.04
C THR B 212 1.77 13.67 0.81
N GLU B 213 1.04 14.25 1.77
CA GLU B 213 1.67 15.23 2.65
C GLU B 213 2.77 14.58 3.47
N PHE B 214 2.63 13.28 3.78
CA PHE B 214 3.70 12.56 4.46
C PHE B 214 4.96 12.52 3.61
N ASP B 215 4.83 12.23 2.32
CA ASP B 215 5.98 12.25 1.43
C ASP B 215 6.63 13.63 1.39
N LEU B 216 5.84 14.69 1.50
CA LEU B 216 6.39 16.04 1.42
C LEU B 216 7.15 16.40 2.70
N TYR B 217 6.55 16.12 3.86
CA TYR B 217 7.21 16.42 5.12
C TYR B 217 8.48 15.59 5.30
N LYS B 218 8.41 14.29 5.00
CA LYS B 218 9.60 13.45 5.11
C LYS B 218 10.71 13.95 4.19
N THR B 219 10.35 14.46 3.01
CA THR B 219 11.36 14.97 2.09
C THR B 219 11.96 16.28 2.60
N ILE B 220 11.13 17.16 3.14
CA ILE B 220 11.64 18.43 3.67
C ILE B 220 12.60 18.16 4.83
N VAL B 221 12.28 17.19 5.67
CA VAL B 221 13.15 16.85 6.79
C VAL B 221 14.47 16.25 6.29
N SER B 222 14.39 15.44 5.23
CA SER B 222 15.60 14.85 4.66
C SER B 222 16.56 15.91 4.12
N LEU B 223 16.08 17.12 3.84
CA LEU B 223 16.96 18.16 3.33
C LEU B 223 17.84 18.73 4.43
N SER B 224 17.32 18.83 5.65
CA SER B 224 18.04 19.45 6.77
C SER B 224 18.53 18.43 7.78
N TYR B 225 18.44 17.13 7.48
CA TYR B 225 18.84 16.12 8.45
C TYR B 225 20.33 16.18 8.73
N LEU B 226 21.16 16.10 7.68
CA LEU B 226 22.60 16.16 7.87
C LEU B 226 23.03 17.52 8.41
N GLY B 227 22.41 18.60 7.91
CA GLY B 227 22.78 19.92 8.38
C GLY B 227 22.50 20.13 9.85
N ASP B 228 21.44 19.49 10.37
CA ASP B 228 21.14 19.62 11.79
C ASP B 228 22.08 18.79 12.66
N ILE B 229 22.61 17.69 12.12
CA ILE B 229 23.61 16.93 12.85
C ILE B 229 24.93 17.69 12.91
N ARG B 230 25.31 18.31 11.79
CA ARG B 230 26.57 19.05 11.73
C ARG B 230 26.55 20.26 12.66
N MET B 231 25.38 20.87 12.86
CA MET B 231 25.24 22.03 13.72
C MET B 231 24.85 21.67 15.15
N SER B 232 24.76 20.39 15.48
CA SER B 232 24.30 19.91 16.78
C SER B 232 22.88 20.40 17.11
N PHE B 233 22.09 20.72 16.08
CA PHE B 233 20.69 21.10 16.30
C PHE B 233 19.86 19.89 16.71
N ALA B 234 19.89 18.83 15.89
CA ALA B 234 19.08 17.64 16.11
C ALA B 234 19.31 17.05 17.49
N ALA B 235 18.38 16.22 17.96
CA ALA B 235 18.50 15.58 19.26
C ALA B 235 19.85 14.90 19.37
N GLU B 236 20.44 14.96 20.58
CA GLU B 236 21.78 14.42 20.79
C GLU B 236 21.89 12.98 20.34
N ASN B 237 20.78 12.24 20.40
CA ASN B 237 20.65 10.98 19.68
C ASN B 237 19.64 11.17 18.56
N PRO B 238 20.03 11.11 17.29
CA PRO B 238 19.10 11.46 16.20
C PRO B 238 17.92 10.52 16.12
N ARG B 239 16.80 11.06 15.67
CA ARG B 239 15.54 10.33 15.56
C ARG B 239 15.27 9.97 14.09
N LYS B 240 14.38 9.00 13.91
CA LYS B 240 14.01 8.57 12.57
C LYS B 240 13.09 9.59 11.91
N VAL B 241 13.21 9.69 10.58
CA VAL B 241 12.47 10.73 9.84
C VAL B 241 10.97 10.55 10.03
N GLU B 242 10.48 9.32 9.93
CA GLU B 242 9.06 9.06 10.08
C GLU B 242 8.56 9.48 11.46
N ASN B 243 9.38 9.29 12.49
CA ASN B 243 8.96 9.68 13.84
C ASN B 243 8.96 11.19 14.00
N ILE B 244 9.93 11.88 13.37
CA ILE B 244 9.96 13.33 13.45
C ILE B 244 8.68 13.93 12.87
N VAL B 245 8.21 13.37 11.75
CA VAL B 245 7.03 13.91 11.09
C VAL B 245 5.76 13.45 11.79
N SER B 246 5.66 12.16 12.08
CA SER B 246 4.43 11.61 12.64
C SER B 246 4.09 12.25 13.98
N LYS B 247 5.09 12.42 14.85
CA LYS B 247 4.84 13.00 16.16
C LYS B 247 4.66 14.52 16.11
N GLN B 248 4.97 15.17 14.98
CA GLN B 248 4.80 16.61 14.82
C GLN B 248 3.91 16.93 13.62
N ILE B 249 2.98 16.04 13.29
CA ILE B 249 2.20 16.19 12.07
C ILE B 249 1.29 17.42 12.15
N ALA B 250 0.82 17.77 13.35
CA ALA B 250 -0.09 18.91 13.47
C ALA B 250 0.62 20.22 13.16
N PHE B 251 1.91 20.31 13.44
CA PHE B 251 2.66 21.53 13.21
C PHE B 251 3.28 21.58 11.83
N PHE B 252 3.64 20.43 11.26
CA PHE B 252 4.02 20.40 9.84
C PHE B 252 2.84 20.79 8.97
N ARG B 253 1.62 20.46 9.40
CA ARG B 253 0.44 20.87 8.63
C ARG B 253 0.16 22.35 8.79
N LYS B 254 0.27 22.88 10.01
CA LYS B 254 0.11 24.32 10.21
C LYS B 254 1.11 25.11 9.39
N LEU B 255 2.29 24.56 9.14
CA LEU B 255 3.33 25.29 8.44
C LEU B 255 3.09 25.29 6.93
N TYR B 256 2.85 24.11 6.35
CA TYR B 256 2.94 23.94 4.91
C TYR B 256 1.60 23.76 4.21
N LEU B 257 0.55 23.33 4.91
CA LEU B 257 -0.76 23.21 4.26
C LEU B 257 -1.26 24.55 3.70
N PRO B 258 -1.16 25.68 4.40
CA PRO B 258 -1.53 26.96 3.76
C PRO B 258 -0.69 27.28 2.54
N LEU B 259 0.60 26.92 2.55
CA LEU B 259 1.45 27.18 1.40
C LEU B 259 1.06 26.31 0.22
N LEU B 260 0.58 25.09 0.48
CA LEU B 260 0.13 24.24 -0.61
C LEU B 260 -1.20 24.73 -1.17
N TYR B 261 -2.06 25.27 -0.31
CA TYR B 261 -3.32 25.84 -0.76
C TYR B 261 -3.09 27.02 -1.70
N ALA B 262 -2.12 27.88 -1.36
CA ALA B 262 -1.85 29.06 -2.16
C ALA B 262 -0.96 28.76 -3.36
N GLU B 263 -0.24 27.65 -3.36
CA GLU B 263 0.69 27.35 -4.44
C GLU B 263 -0.07 27.06 -5.72
N PRO B 264 0.17 27.80 -6.81
CA PRO B 264 -0.57 27.52 -8.05
C PRO B 264 -0.12 26.22 -8.68
N GLY B 265 -1.10 25.41 -9.10
CA GLY B 265 -0.82 24.15 -9.74
C GLY B 265 -0.80 22.95 -8.82
N VAL B 266 -1.07 23.13 -7.53
CA VAL B 266 -1.10 22.06 -6.55
C VAL B 266 -2.51 21.99 -6.00
N HIS B 267 -3.20 20.89 -6.28
CA HIS B 267 -4.60 20.74 -5.90
C HIS B 267 -4.75 19.66 -4.85
N PHE B 268 -5.63 19.92 -3.87
CA PHE B 268 -5.98 18.93 -2.86
C PHE B 268 -6.95 17.91 -3.45
N ILE B 269 -6.65 16.63 -3.23
CA ILE B 269 -7.50 15.58 -3.79
C ILE B 269 -8.67 15.27 -2.88
N GLU B 270 -8.47 15.35 -1.58
CA GLU B 270 -9.54 15.08 -0.64
C GLU B 270 -10.57 16.21 -0.67
N SER B 271 -11.83 15.84 -0.46
CA SER B 271 -12.91 16.82 -0.47
C SER B 271 -12.88 17.65 0.80
N SER B 272 -13.56 18.80 0.74
CA SER B 272 -13.60 19.71 1.88
C SER B 272 -14.39 19.14 3.05
N GLU B 273 -15.17 18.08 2.84
CA GLU B 273 -15.91 17.49 3.95
C GLU B 273 -14.99 16.75 4.90
N VAL B 274 -13.99 16.04 4.37
CA VAL B 274 -13.05 15.33 5.22
C VAL B 274 -11.99 16.26 5.80
N LEU B 275 -11.71 17.40 5.15
CA LEU B 275 -10.80 18.36 5.73
C LEU B 275 -11.44 19.07 6.93
N LYS B 276 -12.76 19.26 6.90
CA LYS B 276 -13.46 19.88 8.02
C LYS B 276 -13.68 18.92 9.18
N SER B 277 -13.47 17.63 8.99
CA SER B 277 -13.64 16.63 10.04
C SER B 277 -12.32 16.05 10.52
N MET B 278 -11.19 16.54 10.02
CA MET B 278 -9.88 16.03 10.35
C MET B 278 -9.23 16.89 11.42
N ASP B 279 -8.78 16.26 12.50
CA ASP B 279 -7.95 16.95 13.48
C ASP B 279 -6.52 17.09 12.92
N PRO B 280 -5.88 18.24 13.15
CA PRO B 280 -4.52 18.43 12.60
C PRO B 280 -3.53 17.37 13.06
N SER B 281 -3.72 16.81 14.25
CA SER B 281 -2.81 15.82 14.81
C SER B 281 -3.18 14.38 14.43
N ASP B 282 -4.03 14.21 13.42
CA ASP B 282 -4.49 12.87 13.04
C ASP B 282 -3.48 12.23 12.09
N ASN B 283 -2.93 11.08 12.52
CA ASN B 283 -2.04 10.28 11.68
C ASN B 283 -2.74 9.13 10.99
N SER B 284 -4.08 9.04 11.12
CA SER B 284 -4.80 7.94 10.48
C SER B 284 -4.87 8.14 8.97
N ARG B 285 -5.04 9.37 8.52
CA ARG B 285 -5.14 9.68 7.10
C ARG B 285 -4.13 10.76 6.74
N TYR B 286 -3.46 10.58 5.62
CA TYR B 286 -2.54 11.57 5.07
C TYR B 286 -3.10 12.11 3.78
N LEU B 287 -3.20 13.43 3.69
CA LEU B 287 -3.76 14.07 2.50
C LEU B 287 -2.87 13.82 1.29
N SER B 288 -3.50 13.53 0.16
CA SER B 288 -2.80 13.37 -1.10
C SER B 288 -2.95 14.61 -1.96
N PHE B 289 -2.02 14.78 -2.89
CA PHE B 289 -1.96 15.97 -3.72
C PHE B 289 -1.67 15.58 -5.16
N HIS B 290 -2.03 16.48 -6.07
CA HIS B 290 -1.60 16.41 -7.46
C HIS B 290 -0.99 17.76 -7.84
N GLN B 291 0.11 17.71 -8.59
CA GLN B 291 0.75 18.93 -9.06
C GLN B 291 0.97 18.85 -10.55
N ASN B 292 0.86 20.00 -11.24
CA ASN B 292 1.03 20.05 -12.67
C ASN B 292 2.51 20.21 -13.00
N ILE B 293 3.06 19.25 -13.75
CA ILE B 293 4.50 19.18 -13.99
C ILE B 293 4.81 19.47 -15.45
N THR B 294 5.10 20.72 -15.76
CA THR B 294 5.55 21.13 -17.08
C THR B 294 6.99 21.62 -17.00
N LYS B 295 7.60 21.82 -18.15
CA LYS B 295 8.98 22.32 -18.18
C LYS B 295 9.06 23.75 -17.66
N ASP B 296 8.00 24.54 -17.85
CA ASP B 296 7.98 25.89 -17.32
C ASP B 296 7.65 25.92 -15.84
N SER B 297 6.87 24.94 -15.36
CA SER B 297 6.59 24.84 -13.94
C SER B 297 7.85 24.49 -13.16
N ILE B 298 8.64 23.54 -13.67
CA ILE B 298 9.86 23.14 -12.98
C ILE B 298 10.91 24.25 -13.06
N SER B 299 11.01 24.92 -14.21
CA SER B 299 11.96 26.02 -14.33
C SER B 299 11.57 27.19 -13.45
N ARG B 300 10.28 27.44 -13.27
CA ARG B 300 9.85 28.50 -12.35
C ARG B 300 10.21 28.14 -10.92
N LEU B 301 9.99 26.89 -10.52
CA LEU B 301 10.40 26.45 -9.18
C LEU B 301 11.90 26.55 -9.00
N LEU B 302 12.67 26.08 -10.00
CA LEU B 302 14.13 26.06 -9.89
C LEU B 302 14.69 27.47 -9.78
N ASN B 303 14.30 28.36 -10.68
CA ASN B 303 14.89 29.69 -10.73
C ASN B 303 14.37 30.62 -9.62
N GLY B 304 13.31 30.22 -8.91
CA GLY B 304 12.80 30.95 -7.79
C GLY B 304 13.46 30.61 -6.46
N LEU B 305 14.58 29.87 -6.49
CA LEU B 305 15.34 29.44 -5.33
C LEU B 305 16.60 30.28 -5.16
N PRO B 306 17.14 30.35 -3.94
CA PRO B 306 18.28 31.27 -3.69
C PRO B 306 19.65 30.73 -4.07
N LEU B 307 19.77 29.47 -4.51
CA LEU B 307 21.09 28.83 -4.60
C LEU B 307 21.55 28.54 -6.03
N ASN B 308 21.46 29.53 -6.92
CA ASN B 308 21.88 29.29 -8.31
C ASN B 308 22.40 30.59 -8.93
N LEU B 309 23.56 31.04 -8.45
CA LEU B 309 24.30 32.16 -9.03
C LEU B 309 23.42 33.38 -9.29
N CYS C 27 5.39 -21.42 20.03
CA CYS C 27 5.13 -21.82 18.65
C CYS C 27 5.48 -20.70 17.67
N THR C 28 5.97 -21.07 16.50
CA THR C 28 6.32 -20.12 15.45
C THR C 28 5.62 -20.52 14.15
N VAL C 29 5.61 -19.57 13.21
CA VAL C 29 4.96 -19.80 11.92
C VAL C 29 5.69 -20.89 11.15
N ALA C 30 7.02 -20.94 11.25
CA ALA C 30 7.78 -21.98 10.55
C ALA C 30 7.42 -23.37 11.06
N GLN C 31 7.00 -23.48 12.32
CA GLN C 31 6.57 -24.78 12.83
C GLN C 31 5.21 -25.18 12.28
N LEU C 32 4.33 -24.20 12.01
CA LEU C 32 3.06 -24.51 11.37
C LEU C 32 3.24 -25.08 9.97
N LEU C 33 4.36 -24.80 9.32
CA LEU C 33 4.61 -25.36 8.01
C LEU C 33 4.88 -26.87 8.07
N LYS C 34 5.40 -27.35 9.19
CA LYS C 34 5.78 -28.75 9.35
C LYS C 34 4.69 -29.60 9.98
N GLN C 35 3.45 -29.10 10.04
CA GLN C 35 2.35 -29.89 10.59
C GLN C 35 2.09 -31.13 9.73
N ASN C 36 1.75 -32.23 10.38
CA ASN C 36 1.51 -33.50 9.69
C ASN C 36 0.12 -33.47 9.06
N LEU C 37 0.08 -33.35 7.73
CA LEU C 37 -1.21 -33.36 7.04
C LEU C 37 -1.84 -34.74 7.01
N LEU C 38 -1.04 -35.80 7.15
CA LEU C 38 -1.58 -37.15 7.13
C LEU C 38 -2.45 -37.43 8.35
N THR C 39 -2.08 -36.87 9.51
CA THR C 39 -2.85 -37.04 10.72
C THR C 39 -3.77 -35.85 10.99
N PHE C 40 -3.95 -34.98 10.00
CA PHE C 40 -4.85 -33.84 10.10
C PHE C 40 -4.47 -32.95 11.28
N GLU C 41 -3.17 -32.75 11.46
CA GLU C 41 -2.67 -31.88 12.53
C GLU C 41 -3.23 -30.46 12.43
N ASN C 42 -3.45 -29.97 11.22
CA ASN C 42 -3.78 -28.56 11.03
C ASN C 42 -5.19 -28.23 11.51
N GLN C 43 -6.11 -29.20 11.52
CA GLN C 43 -7.47 -28.96 11.97
C GLN C 43 -7.65 -29.17 13.47
N ARG C 44 -6.68 -29.78 14.15
CA ARG C 44 -6.81 -30.12 15.55
C ARG C 44 -6.75 -28.86 16.42
N ILE C 45 -7.75 -28.01 16.32
CA ILE C 45 -7.84 -26.79 17.10
C ILE C 45 -8.64 -27.08 18.36
N GLN C 46 -7.97 -27.10 19.51
CA GLN C 46 -8.62 -27.36 20.77
C GLN C 46 -8.57 -26.12 21.66
N PRO C 47 -9.65 -25.80 22.38
CA PRO C 47 -9.67 -24.57 23.17
C PRO C 47 -8.95 -24.70 24.50
N GLU C 48 -9.06 -23.67 25.34
CA GLU C 48 -8.48 -23.73 26.67
C GLU C 48 -9.14 -24.82 27.50
N GLU C 49 -8.34 -25.45 28.35
CA GLU C 49 -8.82 -26.56 29.18
C GLU C 49 -9.97 -26.14 30.07
N GLU C 50 -10.00 -24.87 30.49
CA GLU C 50 -11.17 -24.35 31.19
C GLU C 50 -12.37 -24.29 30.25
N LEU C 51 -12.18 -23.71 29.06
CA LEU C 51 -13.28 -23.62 28.10
C LEU C 51 -13.72 -25.00 27.64
N LYS C 52 -12.78 -25.92 27.45
CA LYS C 52 -13.12 -27.23 26.90
C LYS C 52 -14.02 -28.02 27.84
N GLU C 53 -13.79 -27.90 29.16
CA GLU C 53 -14.66 -28.59 30.11
C GLU C 53 -16.05 -27.99 30.11
N ASN C 54 -16.15 -26.65 30.10
CA ASN C 54 -17.45 -26.00 30.08
C ASN C 54 -18.22 -26.36 28.82
N LEU C 55 -17.53 -26.48 27.69
CA LEU C 55 -18.21 -26.80 26.44
C LEU C 55 -18.60 -28.28 26.40
N THR C 56 -17.67 -29.18 26.73
CA THR C 56 -17.98 -30.61 26.71
C THR C 56 -19.07 -30.96 27.70
N LYS C 57 -19.14 -30.24 28.83
CA LYS C 57 -20.24 -30.45 29.76
C LYS C 57 -21.58 -30.13 29.11
N VAL C 58 -21.61 -29.11 28.25
CA VAL C 58 -22.84 -28.75 27.56
C VAL C 58 -23.22 -29.83 26.54
N VAL C 59 -22.22 -30.41 25.86
CA VAL C 59 -22.52 -31.45 24.89
C VAL C 59 -23.02 -32.71 25.59
N ASN C 60 -22.45 -33.03 26.76
CA ASN C 60 -22.79 -34.27 27.44
C ASN C 60 -24.13 -34.22 28.16
N TYR C 61 -24.68 -33.02 28.38
CA TYR C 61 -25.97 -32.91 29.06
C TYR C 61 -27.10 -33.47 28.21
N PHE C 62 -26.96 -33.40 26.89
CA PHE C 62 -28.05 -33.84 25.99
C PHE C 62 -28.11 -35.36 25.97
N GLN C 63 -29.29 -35.90 26.29
CA GLN C 63 -29.47 -37.35 26.29
C GLN C 63 -29.54 -37.90 24.87
N ALA C 64 -30.12 -37.14 23.95
CA ALA C 64 -30.20 -37.58 22.56
C ALA C 64 -28.79 -37.71 21.98
N PRO C 65 -28.55 -38.70 21.13
CA PRO C 65 -27.18 -38.96 20.66
C PRO C 65 -26.69 -37.94 19.65
N ILE C 66 -25.86 -37.00 20.09
CA ILE C 66 -25.14 -36.13 19.19
C ILE C 66 -23.96 -36.92 18.62
N ASP C 67 -23.80 -36.90 17.30
CA ASP C 67 -22.71 -37.67 16.72
C ASP C 67 -21.43 -36.84 16.61
N VAL C 68 -21.52 -35.68 15.98
CA VAL C 68 -20.41 -34.75 15.85
C VAL C 68 -20.91 -33.37 16.26
N ALA C 69 -20.33 -32.82 17.33
CA ALA C 69 -20.71 -31.51 17.83
C ALA C 69 -19.59 -30.52 17.54
N VAL C 70 -19.95 -29.35 17.03
CA VAL C 70 -19.01 -28.32 16.64
C VAL C 70 -19.24 -27.09 17.50
N GLY C 71 -18.15 -26.45 17.90
CA GLY C 71 -18.20 -25.18 18.62
C GLY C 71 -17.57 -24.08 17.78
N TYR C 72 -18.31 -22.98 17.64
CA TYR C 72 -17.88 -21.87 16.81
C TYR C 72 -18.45 -20.58 17.40
N GLY C 73 -18.08 -19.46 16.80
CA GLY C 73 -18.61 -18.18 17.21
C GLY C 73 -17.73 -17.46 18.20
N SER C 74 -18.32 -16.41 18.79
CA SER C 74 -17.61 -15.59 19.76
C SER C 74 -17.50 -16.25 21.12
N GLY C 75 -18.42 -17.16 21.46
CA GLY C 75 -18.36 -17.85 22.73
C GLY C 75 -17.24 -18.88 22.83
N VAL C 76 -16.73 -19.33 21.69
CA VAL C 76 -15.64 -20.30 21.66
C VAL C 76 -14.31 -19.63 21.29
N PHE C 77 -14.33 -18.79 20.26
CA PHE C 77 -13.16 -18.00 19.89
C PHE C 77 -13.28 -16.61 20.51
N ARG C 78 -13.15 -16.58 21.83
CA ARG C 78 -13.37 -15.34 22.58
C ARG C 78 -12.31 -14.31 22.22
N GLN C 79 -12.77 -13.09 21.92
CA GLN C 79 -11.91 -11.98 21.54
C GLN C 79 -11.03 -12.34 20.35
N ASN C 87 -19.48 -12.36 28.99
CA ASN C 87 -20.68 -13.17 29.10
C ASN C 87 -21.40 -13.36 27.77
N PRO C 88 -20.74 -14.02 26.82
CA PRO C 88 -21.34 -14.20 25.49
C PRO C 88 -22.11 -15.51 25.39
N MET C 89 -22.86 -15.64 24.29
CA MET C 89 -23.60 -16.85 23.98
C MET C 89 -22.74 -17.80 23.16
N ILE C 90 -22.74 -19.07 23.53
CA ILE C 90 -21.97 -20.08 22.81
C ILE C 90 -22.85 -20.72 21.74
N ASP C 91 -22.28 -20.90 20.56
CA ASP C 91 -23.00 -21.43 19.41
C ASP C 91 -22.53 -22.85 19.12
N PHE C 92 -23.49 -23.76 18.96
CA PHE C 92 -23.19 -25.16 18.70
C PHE C 92 -23.91 -25.62 17.44
N ILE C 93 -23.31 -26.60 16.77
CA ILE C 93 -23.93 -27.28 15.64
C ILE C 93 -23.83 -28.78 15.94
N PHE C 94 -24.98 -29.42 16.13
CA PHE C 94 -25.04 -30.85 16.44
C PHE C 94 -25.35 -31.62 15.15
N GLN C 95 -24.38 -32.42 14.70
CA GLN C 95 -24.59 -33.30 13.56
C GLN C 95 -25.05 -34.65 14.07
N VAL C 96 -26.23 -35.08 13.62
CA VAL C 96 -26.90 -36.26 14.17
C VAL C 96 -27.22 -37.24 13.05
N GLU C 97 -27.46 -38.49 13.44
CA GLU C 97 -27.81 -39.54 12.49
C GLU C 97 -29.10 -39.23 11.75
N ASP C 98 -30.17 -38.97 12.50
CA ASP C 98 -31.44 -38.54 11.94
C ASP C 98 -32.04 -37.46 12.83
N PRO C 99 -32.30 -36.27 12.29
CA PRO C 99 -32.85 -35.18 13.12
C PRO C 99 -34.22 -35.49 13.68
N VAL C 100 -35.07 -36.21 12.95
CA VAL C 100 -36.44 -36.44 13.40
C VAL C 100 -36.45 -37.25 14.68
N LYS C 101 -35.70 -38.36 14.71
CA LYS C 101 -35.63 -39.16 15.94
C LYS C 101 -34.88 -38.42 17.03
N TRP C 102 -33.81 -37.70 16.67
CA TRP C 102 -33.08 -36.91 17.66
C TRP C 102 -33.99 -35.86 18.31
N HIS C 103 -34.82 -35.20 17.50
CA HIS C 103 -35.73 -34.20 18.05
C HIS C 103 -36.82 -34.84 18.90
N LYS C 104 -37.19 -36.09 18.62
CA LYS C 104 -38.15 -36.78 19.46
C LYS C 104 -37.63 -36.95 20.87
N ILE C 105 -36.36 -37.32 21.02
CA ILE C 105 -35.77 -37.47 22.34
C ILE C 105 -35.60 -36.12 23.02
N ASN C 106 -35.11 -35.12 22.27
CA ASN C 106 -34.85 -33.82 22.87
C ASN C 106 -36.13 -33.11 23.27
N LEU C 107 -37.23 -33.38 22.57
CA LEU C 107 -38.51 -32.76 22.92
C LEU C 107 -39.04 -33.28 24.24
N GLN C 108 -38.74 -34.54 24.59
CA GLN C 108 -39.18 -35.09 25.86
C GLN C 108 -38.26 -34.67 27.01
N GLN C 109 -36.96 -34.53 26.75
CA GLN C 109 -36.04 -34.12 27.79
C GLN C 109 -36.11 -32.61 28.04
N ASN C 110 -36.14 -31.82 26.98
CA ASN C 110 -36.18 -30.36 27.06
C ASN C 110 -37.28 -29.82 26.17
N PRO C 111 -38.54 -29.94 26.58
CA PRO C 111 -39.62 -29.38 25.76
C PRO C 111 -39.62 -27.86 25.73
N SER C 112 -39.09 -27.21 26.78
CA SER C 112 -39.05 -25.75 26.81
C SER C 112 -37.97 -25.17 25.92
N HIS C 113 -37.06 -26.00 25.41
CA HIS C 113 -36.08 -25.51 24.45
C HIS C 113 -36.74 -25.01 23.18
N TYR C 114 -37.92 -25.55 22.86
CA TYR C 114 -38.64 -25.21 21.63
C TYR C 114 -39.62 -24.09 21.95
N SER C 115 -39.29 -22.88 21.54
CA SER C 115 -40.03 -21.69 21.96
C SER C 115 -41.18 -21.33 21.03
N PHE C 116 -41.21 -21.87 19.82
CA PHE C 116 -42.30 -21.55 18.89
C PHE C 116 -43.62 -22.16 19.31
N VAL C 117 -43.65 -22.94 20.40
CA VAL C 117 -44.89 -23.58 20.82
C VAL C 117 -45.86 -22.56 21.41
N LYS C 118 -45.35 -21.51 22.06
CA LYS C 118 -46.21 -20.48 22.61
C LYS C 118 -46.67 -19.47 21.56
N ASN C 119 -46.32 -19.69 20.29
CA ASN C 119 -46.83 -18.88 19.19
C ASN C 119 -47.92 -19.59 18.40
N PHE C 120 -47.69 -20.85 18.04
CA PHE C 120 -48.64 -21.62 17.24
C PHE C 120 -49.44 -22.62 18.06
N GLY C 121 -48.82 -23.25 19.06
CA GLY C 121 -49.51 -24.21 19.88
C GLY C 121 -48.76 -25.52 19.98
N PRO C 122 -49.24 -26.42 20.84
CA PRO C 122 -48.60 -27.74 20.97
C PRO C 122 -48.97 -28.67 19.81
N GLY C 123 -50.18 -28.49 19.28
CA GLY C 123 -50.61 -29.30 18.14
C GLY C 123 -49.91 -28.93 16.84
N PHE C 124 -49.22 -27.80 16.81
CA PHE C 124 -48.45 -27.44 15.62
C PHE C 124 -47.32 -28.43 15.39
N VAL C 125 -46.65 -28.86 16.45
CA VAL C 125 -45.48 -29.75 16.36
C VAL C 125 -45.75 -30.97 15.49
N SER C 126 -47.02 -31.37 15.37
CA SER C 126 -47.34 -32.58 14.62
C SER C 126 -47.04 -32.41 13.14
N THR C 127 -47.51 -31.32 12.53
CA THR C 127 -47.43 -31.16 11.08
C THR C 127 -46.02 -30.83 10.58
N LEU C 128 -45.10 -30.46 11.45
CA LEU C 128 -43.73 -30.16 11.05
C LEU C 128 -42.78 -31.32 11.25
N GLN C 129 -43.30 -32.53 11.51
CA GLN C 129 -42.46 -33.71 11.64
C GLN C 129 -41.52 -33.89 10.44
N GLU C 130 -41.87 -33.30 9.30
CA GLU C 130 -41.02 -33.31 8.12
C GLU C 130 -40.17 -32.04 7.99
N SER C 131 -40.25 -31.13 8.95
CA SER C 131 -39.56 -29.85 8.88
C SER C 131 -38.25 -29.82 9.68
N PHE C 132 -37.93 -30.91 10.39
CA PHE C 132 -36.67 -30.99 11.12
C PHE C 132 -35.58 -31.72 10.35
N GLY C 133 -35.94 -32.65 9.48
CA GLY C 133 -34.99 -33.27 8.58
C GLY C 133 -34.58 -32.43 7.40
N THR C 134 -35.11 -31.21 7.30
CA THR C 134 -34.76 -30.29 6.24
C THR C 134 -33.87 -29.18 6.81
N GLY C 135 -32.86 -28.79 6.01
CA GLY C 135 -31.99 -27.69 6.38
C GLY C 135 -31.40 -27.84 7.77
N VAL C 136 -31.46 -26.76 8.53
CA VAL C 136 -30.94 -26.70 9.89
C VAL C 136 -31.99 -26.04 10.78
N TYR C 137 -32.27 -26.64 11.93
CA TYR C 137 -33.16 -26.06 12.92
C TYR C 137 -32.35 -25.54 14.10
N TYR C 138 -32.77 -24.40 14.64
CA TYR C 138 -32.07 -23.75 15.75
C TYR C 138 -32.97 -23.63 16.97
N ASN C 139 -32.37 -23.77 18.15
CA ASN C 139 -33.00 -23.41 19.40
C ASN C 139 -32.05 -22.46 20.12
N THR C 140 -32.51 -21.24 20.37
CA THR C 140 -31.64 -20.16 20.82
C THR C 140 -32.04 -19.70 22.22
N HIS C 141 -31.07 -19.08 22.90
CA HIS C 141 -31.27 -18.47 24.21
C HIS C 141 -31.79 -19.49 25.23
N VAL C 142 -31.23 -20.69 25.22
CA VAL C 142 -31.53 -21.71 26.21
C VAL C 142 -30.33 -21.87 27.13
N GLU C 143 -30.63 -22.16 28.40
CA GLU C 143 -29.61 -22.32 29.43
C GLU C 143 -29.53 -23.78 29.83
N VAL C 144 -28.33 -24.37 29.75
CA VAL C 144 -28.14 -25.78 30.04
C VAL C 144 -27.27 -26.02 31.28
N GLU C 145 -26.34 -25.12 31.59
CA GLU C 145 -25.61 -25.24 32.86
C GLU C 145 -25.21 -23.87 33.42
N GLY C 146 -25.89 -22.80 33.03
CA GLY C 146 -25.55 -21.47 33.48
C GLY C 146 -25.28 -20.56 32.29
N ASN C 147 -24.51 -21.06 31.34
CA ASN C 147 -24.31 -20.34 30.09
C ASN C 147 -25.56 -20.45 29.23
N ILE C 148 -25.84 -19.40 28.45
CA ILE C 148 -26.99 -19.37 27.58
C ILE C 148 -26.54 -19.81 26.19
N ILE C 149 -27.21 -20.82 25.65
CA ILE C 149 -26.71 -21.60 24.53
C ILE C 149 -27.64 -21.45 23.34
N LYS C 150 -27.06 -21.43 22.13
CA LYS C 150 -27.80 -21.58 20.88
C LYS C 150 -27.17 -22.73 20.12
N TYR C 151 -27.95 -23.78 19.88
CA TYR C 151 -27.46 -24.97 19.20
C TYR C 151 -28.33 -25.27 17.99
N GLY C 152 -27.71 -25.76 16.94
CA GLY C 152 -28.41 -26.13 15.72
C GLY C 152 -28.20 -27.60 15.41
N VAL C 153 -29.24 -28.24 14.91
CA VAL C 153 -29.22 -29.67 14.61
C VAL C 153 -29.38 -29.86 13.11
N THR C 154 -28.58 -30.76 12.55
CA THR C 154 -28.63 -31.04 11.12
C THR C 154 -28.17 -32.46 10.87
N SER C 155 -28.53 -32.99 9.70
CA SER C 155 -28.20 -34.35 9.36
C SER C 155 -26.70 -34.51 9.15
N LYS C 156 -26.14 -35.59 9.69
CA LYS C 156 -24.71 -35.83 9.57
C LYS C 156 -24.33 -36.18 8.14
N LYS C 157 -25.15 -37.01 7.47
CA LYS C 157 -24.85 -37.34 6.07
C LYS C 157 -25.03 -36.15 5.16
N ASP C 158 -25.93 -35.22 5.51
CA ASP C 158 -26.04 -33.99 4.74
C ASP C 158 -24.77 -33.16 4.86
N VAL C 159 -24.15 -33.16 6.03
CA VAL C 159 -22.88 -32.45 6.22
C VAL C 159 -21.77 -33.14 5.46
N TYR C 160 -21.66 -34.47 5.60
CA TYR C 160 -20.57 -35.18 4.95
C TYR C 160 -20.69 -35.13 3.42
N GLU C 161 -21.92 -35.10 2.90
CA GLU C 161 -22.09 -34.99 1.46
C GLU C 161 -21.71 -33.60 0.96
N ASP C 162 -22.05 -32.57 1.73
CA ASP C 162 -21.62 -31.22 1.38
C ASP C 162 -20.11 -31.10 1.40
N LEU C 163 -19.46 -31.75 2.37
CA LEU C 163 -18.01 -31.74 2.46
C LEU C 163 -17.34 -32.43 1.29
N LYS C 164 -18.09 -33.17 0.47
CA LYS C 164 -17.55 -33.91 -0.66
C LYS C 164 -17.98 -33.35 -2.01
N ASN C 165 -19.22 -32.87 -2.12
CA ASN C 165 -19.76 -32.41 -3.39
C ASN C 165 -19.98 -30.90 -3.47
N TRP C 166 -20.05 -30.20 -2.32
CA TRP C 166 -20.42 -28.80 -2.29
C TRP C 166 -21.80 -28.59 -2.93
N ASN C 167 -22.77 -29.41 -2.50
CA ASN C 167 -24.13 -29.27 -3.02
C ASN C 167 -24.67 -27.87 -2.80
N THR C 168 -24.47 -27.33 -1.60
CA THR C 168 -24.83 -25.97 -1.27
C THR C 168 -23.70 -25.18 -0.63
N MET C 169 -22.72 -25.85 -0.02
CA MET C 169 -21.62 -25.24 0.71
C MET C 169 -22.10 -24.46 1.94
N TYR C 170 -23.41 -24.43 2.17
CA TYR C 170 -23.91 -23.79 3.38
C TYR C 170 -23.33 -24.42 4.63
N LEU C 171 -23.06 -25.74 4.58
CA LEU C 171 -22.42 -26.43 5.68
C LEU C 171 -20.91 -26.51 5.51
N ALA C 172 -20.43 -26.81 4.29
CA ALA C 172 -18.99 -26.98 4.07
C ALA C 172 -18.24 -25.67 4.28
N GLY C 173 -18.84 -24.55 3.90
CA GLY C 173 -18.17 -23.27 4.09
C GLY C 173 -17.92 -22.91 5.54
N ARG C 174 -18.80 -23.37 6.43
CA ARG C 174 -18.63 -23.11 7.86
C ARG C 174 -17.35 -23.76 8.39
N PHE C 175 -16.95 -24.89 7.81
CA PHE C 175 -15.78 -25.63 8.27
C PHE C 175 -14.52 -25.32 7.48
N GLN C 176 -14.58 -24.36 6.58
CA GLN C 176 -13.35 -23.81 5.98
C GLN C 176 -12.70 -22.78 6.89
N LYS C 177 -13.40 -22.34 7.93
CA LYS C 177 -12.95 -21.39 8.92
C LYS C 177 -12.63 -22.11 10.22
N PRO C 178 -11.95 -21.45 11.16
CA PRO C 178 -11.59 -22.12 12.43
C PRO C 178 -12.84 -22.55 13.20
N VAL C 179 -12.91 -23.85 13.51
CA VAL C 179 -13.96 -24.42 14.34
C VAL C 179 -13.31 -25.28 15.42
N VAL C 180 -14.09 -25.57 16.46
CA VAL C 180 -13.68 -26.46 17.53
C VAL C 180 -14.57 -27.69 17.50
N ILE C 181 -13.98 -28.85 17.24
CA ILE C 181 -14.70 -30.11 17.20
C ILE C 181 -14.64 -30.73 18.59
N LEU C 182 -15.78 -30.71 19.29
CA LEU C 182 -15.85 -31.23 20.65
C LEU C 182 -16.10 -32.73 20.71
N LYS C 183 -16.81 -33.27 19.72
CA LYS C 183 -17.08 -34.71 19.67
C LYS C 183 -17.02 -35.19 18.23
N GLY C 184 -16.44 -36.37 18.02
CA GLY C 184 -16.27 -36.90 16.69
C GLY C 184 -15.07 -36.31 15.97
N GLU C 185 -13.96 -36.10 16.69
CA GLU C 185 -12.84 -35.34 16.14
C GLU C 185 -12.16 -36.11 15.01
N ASP C 186 -11.69 -37.32 15.29
CA ASP C 186 -10.86 -38.03 14.31
C ASP C 186 -11.67 -38.43 13.07
N GLU C 187 -12.98 -38.60 13.21
CA GLU C 187 -13.79 -38.94 12.04
C GLU C 187 -14.05 -37.72 11.17
N PHE C 188 -14.35 -36.58 11.80
CA PHE C 188 -14.69 -35.38 11.04
C PHE C 188 -13.46 -34.78 10.37
N TYR C 189 -12.29 -34.90 10.97
CA TYR C 189 -11.08 -34.35 10.38
C TYR C 189 -10.76 -35.00 9.05
N LYS C 190 -10.99 -36.32 8.95
CA LYS C 190 -10.73 -37.02 7.69
C LYS C 190 -11.70 -36.56 6.60
N GLU C 191 -12.95 -36.28 6.97
CA GLU C 191 -13.93 -35.86 5.98
C GLU C 191 -13.73 -34.40 5.56
N ASN C 192 -13.30 -33.55 6.48
CA ASN C 192 -13.11 -32.13 6.20
C ASN C 192 -11.78 -31.84 5.52
N SER C 193 -10.91 -32.84 5.37
CA SER C 193 -9.60 -32.61 4.78
C SER C 193 -9.72 -32.11 3.34
N TYR C 194 -10.58 -32.74 2.55
CA TYR C 194 -10.75 -32.32 1.16
C TYR C 194 -11.42 -30.96 1.06
N ASN C 195 -12.32 -30.65 1.98
CA ASN C 195 -13.00 -29.35 1.93
C ASN C 195 -12.02 -28.21 2.20
N LEU C 196 -11.08 -28.42 3.11
CA LEU C 196 -10.08 -27.38 3.38
C LEU C 196 -9.12 -27.21 2.21
N SER C 197 -8.61 -28.33 1.68
CA SER C 197 -7.71 -28.26 0.53
C SER C 197 -8.40 -27.69 -0.70
N SER C 198 -9.74 -27.77 -0.76
CA SER C 198 -10.46 -27.21 -1.90
C SER C 198 -10.70 -25.71 -1.75
N ALA C 199 -10.94 -25.23 -0.53
CA ALA C 199 -11.10 -23.79 -0.33
C ALA C 199 -9.83 -23.04 -0.66
N LEU C 200 -8.67 -23.62 -0.35
CA LEU C 200 -7.41 -22.99 -0.72
C LEU C 200 -7.24 -22.93 -2.23
N HIS C 201 -7.70 -23.95 -2.94
CA HIS C 201 -7.56 -23.98 -4.39
C HIS C 201 -8.46 -22.92 -5.05
N VAL C 202 -9.65 -22.69 -4.50
CA VAL C 202 -10.50 -21.64 -5.02
C VAL C 202 -9.87 -20.28 -4.79
N GLY C 203 -9.17 -20.11 -3.66
CA GLY C 203 -8.46 -18.87 -3.42
C GLY C 203 -7.32 -18.66 -4.40
N LEU C 204 -6.59 -19.73 -4.72
CA LEU C 204 -5.52 -19.62 -5.72
C LEU C 204 -6.06 -19.36 -7.11
N LEU C 205 -7.32 -19.73 -7.38
CA LEU C 205 -7.91 -19.42 -8.68
C LEU C 205 -8.26 -17.96 -8.80
N MET C 206 -8.56 -17.30 -7.69
CA MET C 206 -9.00 -15.90 -7.73
C MET C 206 -7.85 -14.92 -7.56
N LEU C 207 -6.76 -15.32 -6.91
CA LEU C 207 -5.65 -14.44 -6.64
C LEU C 207 -4.64 -14.49 -7.77
N ALA C 208 -3.95 -13.37 -7.96
CA ALA C 208 -2.98 -13.23 -9.05
C ALA C 208 -1.70 -14.01 -8.70
N ASP C 209 -0.65 -13.79 -9.51
CA ASP C 209 0.59 -14.52 -9.32
C ASP C 209 1.26 -14.17 -7.99
N ARG C 210 1.07 -12.94 -7.51
CA ARG C 210 1.63 -12.50 -6.24
C ARG C 210 0.51 -12.05 -5.33
N PHE C 211 0.51 -12.56 -4.10
CA PHE C 211 -0.53 -12.25 -3.12
C PHE C 211 0.04 -12.44 -1.72
N THR C 212 -0.69 -11.91 -0.75
CA THR C 212 -0.37 -12.10 0.66
C THR C 212 -1.37 -13.04 1.30
N GLU C 213 -0.98 -13.63 2.44
CA GLU C 213 -1.87 -14.54 3.14
C GLU C 213 -3.11 -13.81 3.63
N PHE C 214 -3.03 -12.49 3.85
CA PHE C 214 -4.20 -11.74 4.25
C PHE C 214 -5.24 -11.72 3.13
N ASP C 215 -4.80 -11.55 1.89
CA ASP C 215 -5.72 -11.61 0.75
C ASP C 215 -6.34 -13.00 0.62
N LEU C 216 -5.57 -14.04 0.93
CA LEU C 216 -6.07 -15.41 0.79
C LEU C 216 -7.13 -15.71 1.84
N TYR C 217 -6.84 -15.41 3.11
CA TYR C 217 -7.82 -15.67 4.15
C TYR C 217 -9.06 -14.80 3.99
N LYS C 218 -8.87 -13.55 3.56
CA LYS C 218 -10.02 -12.68 3.32
C LYS C 218 -10.87 -13.21 2.16
N THR C 219 -10.23 -13.83 1.16
CA THR C 219 -10.98 -14.40 0.05
C THR C 219 -11.77 -15.63 0.50
N ILE C 220 -11.12 -16.54 1.25
CA ILE C 220 -11.79 -17.74 1.74
C ILE C 220 -12.98 -17.38 2.60
N VAL C 221 -12.84 -16.37 3.46
CA VAL C 221 -13.97 -15.91 4.27
C VAL C 221 -15.08 -15.36 3.39
N SER C 222 -14.72 -14.71 2.28
CA SER C 222 -15.75 -14.12 1.42
C SER C 222 -16.58 -15.18 0.72
N LEU C 223 -15.98 -16.32 0.39
CA LEU C 223 -16.73 -17.36 -0.32
C LEU C 223 -17.87 -17.92 0.53
N SER C 224 -17.71 -17.92 1.85
CA SER C 224 -18.72 -18.46 2.75
C SER C 224 -19.42 -17.38 3.55
N TYR C 225 -19.16 -16.11 3.25
CA TYR C 225 -19.78 -15.03 4.02
C TYR C 225 -21.29 -15.03 3.88
N LEU C 226 -21.79 -15.05 2.63
CA LEU C 226 -23.23 -15.06 2.41
C LEU C 226 -23.85 -16.38 2.81
N GLY C 227 -23.13 -17.48 2.64
CA GLY C 227 -23.66 -18.77 3.03
C GLY C 227 -23.92 -18.87 4.52
N ASP C 228 -23.05 -18.26 5.33
CA ASP C 228 -23.23 -18.29 6.78
C ASP C 228 -24.27 -17.29 7.25
N ILE C 229 -24.51 -16.22 6.48
CA ILE C 229 -25.64 -15.34 6.76
C ILE C 229 -26.95 -16.08 6.53
N ARG C 230 -26.97 -16.99 5.54
CA ARG C 230 -28.18 -17.75 5.27
C ARG C 230 -28.53 -18.68 6.43
N MET C 231 -27.52 -19.29 7.04
CA MET C 231 -27.72 -20.18 8.18
C MET C 231 -27.87 -19.43 9.50
N SER C 232 -27.71 -18.10 9.49
CA SER C 232 -28.01 -17.27 10.66
C SER C 232 -29.35 -16.62 10.41
N PHE C 233 -30.42 -17.25 10.93
CA PHE C 233 -31.77 -16.83 10.60
C PHE C 233 -32.04 -15.40 11.08
N ALA C 234 -31.96 -15.18 12.38
CA ALA C 234 -32.15 -13.85 12.95
C ALA C 234 -31.28 -13.68 14.19
N ALA C 235 -30.05 -14.20 14.13
CA ALA C 235 -29.15 -14.19 15.29
C ALA C 235 -28.45 -12.85 15.43
N GLU C 236 -27.13 -12.86 15.30
CA GLU C 236 -26.31 -11.66 15.45
C GLU C 236 -25.94 -11.09 14.09
N ASN C 237 -25.76 -9.78 14.05
CA ASN C 237 -25.37 -9.11 12.81
C ASN C 237 -23.89 -9.38 12.52
N PRO C 238 -23.53 -9.58 11.26
CA PRO C 238 -22.22 -10.16 10.95
C PRO C 238 -21.09 -9.17 11.20
N ARG C 239 -19.87 -9.68 11.07
CA ARG C 239 -18.66 -8.91 11.26
C ARG C 239 -17.99 -8.65 9.91
N LYS C 240 -17.01 -7.74 9.93
CA LYS C 240 -16.27 -7.42 8.72
C LYS C 240 -15.23 -8.50 8.42
N VAL C 241 -14.94 -8.68 7.13
CA VAL C 241 -14.01 -9.73 6.72
C VAL C 241 -12.63 -9.48 7.30
N GLU C 242 -12.23 -8.21 7.43
CA GLU C 242 -10.92 -7.90 7.99
C GLU C 242 -10.86 -8.26 9.48
N ASN C 243 -11.92 -7.94 10.23
CA ASN C 243 -11.94 -8.27 11.65
C ASN C 243 -12.01 -9.77 11.88
N ILE C 244 -12.72 -10.50 11.01
CA ILE C 244 -12.83 -11.94 11.16
C ILE C 244 -11.46 -12.60 11.00
N VAL C 245 -10.70 -12.14 10.02
CA VAL C 245 -9.40 -12.75 9.74
C VAL C 245 -8.35 -12.30 10.75
N SER C 246 -8.31 -10.99 11.04
CA SER C 246 -7.25 -10.47 11.89
C SER C 246 -7.36 -11.01 13.32
N LYS C 247 -8.58 -11.19 13.82
CA LYS C 247 -8.78 -11.64 15.19
C LYS C 247 -8.60 -13.14 15.35
N GLN C 248 -8.59 -13.90 14.26
CA GLN C 248 -8.34 -15.35 14.28
C GLN C 248 -7.21 -15.69 13.34
N ILE C 249 -6.20 -14.81 13.26
CA ILE C 249 -5.15 -14.99 12.27
C ILE C 249 -4.28 -16.20 12.58
N ALA C 250 -4.09 -16.51 13.87
CA ALA C 250 -3.26 -17.65 14.24
C ALA C 250 -3.90 -18.96 13.77
N PHE C 251 -5.21 -19.06 13.87
CA PHE C 251 -5.90 -20.29 13.48
C PHE C 251 -6.01 -20.43 11.97
N PHE C 252 -6.23 -19.32 11.26
CA PHE C 252 -6.18 -19.36 9.80
C PHE C 252 -4.80 -19.80 9.33
N ARG C 253 -3.75 -19.34 10.00
CA ARG C 253 -2.40 -19.78 9.66
C ARG C 253 -2.21 -21.26 9.95
N LYS C 254 -2.72 -21.73 11.08
CA LYS C 254 -2.61 -23.16 11.40
C LYS C 254 -3.32 -24.02 10.37
N LEU C 255 -4.45 -23.54 9.84
CA LEU C 255 -5.22 -24.36 8.90
C LEU C 255 -4.59 -24.42 7.52
N TYR C 256 -4.11 -23.29 6.99
CA TYR C 256 -3.78 -23.21 5.58
C TYR C 256 -2.30 -23.09 5.27
N LEU C 257 -1.47 -22.65 6.22
CA LEU C 257 -0.03 -22.58 5.94
C LEU C 257 0.57 -23.92 5.56
N PRO C 258 0.32 -25.02 6.30
CA PRO C 258 0.85 -26.32 5.82
C PRO C 258 0.30 -26.74 4.48
N LEU C 259 -0.91 -26.29 4.13
CA LEU C 259 -1.45 -26.60 2.81
C LEU C 259 -0.77 -25.79 1.72
N LEU C 260 -0.48 -24.51 1.99
CA LEU C 260 0.26 -23.70 1.04
C LEU C 260 1.67 -24.24 0.82
N TYR C 261 2.28 -24.81 1.87
CA TYR C 261 3.63 -25.34 1.75
C TYR C 261 3.68 -26.56 0.84
N ALA C 262 2.67 -27.41 0.91
CA ALA C 262 2.62 -28.63 0.10
C ALA C 262 2.04 -28.39 -1.29
N GLU C 263 1.36 -27.27 -1.51
CA GLU C 263 0.76 -26.99 -2.80
C GLU C 263 1.84 -26.78 -3.87
N PRO C 264 1.84 -27.54 -4.95
CA PRO C 264 2.88 -27.37 -5.97
C PRO C 264 2.70 -26.05 -6.73
N GLY C 265 3.84 -25.43 -7.05
CA GLY C 265 3.82 -24.19 -7.79
C GLY C 265 3.59 -22.94 -6.96
N VAL C 266 3.62 -23.05 -5.64
CA VAL C 266 3.44 -21.91 -4.74
C VAL C 266 4.70 -21.76 -3.90
N HIS C 267 5.28 -20.57 -3.90
CA HIS C 267 6.53 -20.30 -3.22
C HIS C 267 6.32 -19.23 -2.16
N PHE C 268 7.02 -19.38 -1.04
CA PHE C 268 7.05 -18.35 -0.01
C PHE C 268 8.06 -17.28 -0.40
N ILE C 269 7.68 -16.01 -0.26
CA ILE C 269 8.62 -14.93 -0.59
C ILE C 269 9.58 -14.70 0.56
N GLU C 270 9.07 -14.72 1.80
CA GLU C 270 9.91 -14.49 2.97
C GLU C 270 10.84 -15.66 3.21
N SER C 271 11.96 -15.37 3.88
CA SER C 271 12.98 -16.38 4.16
C SER C 271 12.59 -17.21 5.38
N SER C 272 13.25 -18.36 5.52
CA SER C 272 12.97 -19.24 6.65
C SER C 272 13.30 -18.57 7.97
N GLU C 273 14.41 -17.81 8.01
CA GLU C 273 14.78 -17.13 9.25
C GLU C 273 13.73 -16.11 9.67
N VAL C 274 13.03 -15.51 8.71
CA VAL C 274 11.93 -14.61 9.05
C VAL C 274 10.75 -15.41 9.59
N LEU C 275 10.53 -16.61 9.05
CA LEU C 275 9.38 -17.40 9.45
C LEU C 275 9.48 -17.87 10.89
N LYS C 276 10.63 -18.46 11.26
CA LYS C 276 10.79 -18.98 12.62
C LYS C 276 10.90 -17.88 13.67
N SER C 277 10.90 -16.61 13.27
CA SER C 277 10.92 -15.50 14.21
C SER C 277 9.53 -14.89 14.40
N MET C 278 8.48 -15.55 13.90
CA MET C 278 7.16 -14.97 13.80
C MET C 278 6.16 -15.74 14.66
N ASP C 279 5.45 -15.01 15.51
CA ASP C 279 4.35 -15.60 16.27
C ASP C 279 3.11 -15.72 15.38
N PRO C 280 2.46 -16.88 15.35
CA PRO C 280 1.23 -17.01 14.53
C PRO C 280 0.17 -15.96 14.82
N SER C 281 0.12 -15.41 16.03
CA SER C 281 -0.87 -14.41 16.39
C SER C 281 -0.45 -12.99 16.00
N ASP C 282 0.64 -12.84 15.24
CA ASP C 282 1.13 -11.52 14.87
C ASP C 282 0.36 -10.98 13.67
N ASN C 283 -0.10 -9.72 13.79
CA ASN C 283 -0.81 -9.05 12.72
C ASN C 283 0.00 -7.93 12.09
N SER C 284 1.24 -7.70 12.55
CA SER C 284 2.05 -6.61 12.02
C SER C 284 2.67 -6.95 10.68
N ARG C 285 2.72 -8.24 10.31
CA ARG C 285 3.28 -8.65 9.04
C ARG C 285 2.47 -9.80 8.49
N TYR C 286 2.27 -9.83 7.17
CA TYR C 286 1.58 -10.91 6.49
C TYR C 286 2.51 -11.48 5.43
N LEU C 287 2.58 -12.81 5.37
CA LEU C 287 3.49 -13.46 4.44
C LEU C 287 3.00 -13.26 3.00
N SER C 288 3.95 -13.05 2.10
CA SER C 288 3.67 -12.89 0.68
C SER C 288 4.04 -14.17 -0.06
N PHE C 289 3.26 -14.50 -1.09
CA PHE C 289 3.47 -15.71 -1.85
C PHE C 289 3.51 -15.38 -3.34
N HIS C 290 4.21 -16.23 -4.08
CA HIS C 290 4.20 -16.18 -5.54
C HIS C 290 3.80 -17.55 -6.05
N GLN C 291 2.75 -17.59 -6.87
CA GLN C 291 2.28 -18.84 -7.44
C GLN C 291 2.54 -18.87 -8.95
N ASN C 292 2.79 -20.07 -9.46
CA ASN C 292 3.02 -20.28 -10.89
C ASN C 292 1.66 -20.45 -11.57
N ILE C 293 1.40 -19.64 -12.58
CA ILE C 293 0.10 -19.58 -13.23
C ILE C 293 0.29 -19.92 -14.70
N THR C 294 -0.09 -21.13 -15.07
CA THR C 294 -0.15 -21.56 -16.46
C THR C 294 -1.57 -22.03 -16.78
N LYS C 295 -1.82 -22.28 -18.07
CA LYS C 295 -3.15 -22.74 -18.46
C LYS C 295 -3.42 -24.16 -17.95
N ASP C 296 -2.36 -24.96 -17.79
CA ASP C 296 -2.52 -26.30 -17.24
C ASP C 296 -2.50 -26.32 -15.72
N SER C 297 -1.87 -25.33 -15.09
CA SER C 297 -1.93 -25.23 -13.63
C SER C 297 -3.29 -24.74 -13.16
N ILE C 298 -3.96 -23.92 -13.97
CA ILE C 298 -5.31 -23.49 -13.62
C ILE C 298 -6.31 -24.61 -13.87
N SER C 299 -6.20 -25.30 -15.01
CA SER C 299 -7.11 -26.40 -15.30
C SER C 299 -6.95 -27.53 -14.28
N ARG C 300 -5.74 -27.73 -13.77
CA ARG C 300 -5.53 -28.72 -12.71
C ARG C 300 -6.23 -28.29 -11.42
N LEU C 301 -6.15 -27.00 -11.07
CA LEU C 301 -6.82 -26.51 -9.87
C LEU C 301 -8.33 -26.54 -10.03
N LEU C 302 -8.83 -26.19 -11.21
CA LEU C 302 -10.27 -26.09 -11.42
C LEU C 302 -10.93 -27.47 -11.48
N ASN C 303 -10.29 -28.41 -12.17
CA ASN C 303 -10.88 -29.74 -12.32
C ASN C 303 -10.93 -30.51 -11.00
N GLY C 304 -10.12 -30.13 -10.02
CA GLY C 304 -10.10 -30.80 -8.74
C GLY C 304 -11.09 -30.28 -7.72
N LEU C 305 -11.88 -29.27 -8.07
CA LEU C 305 -12.84 -28.72 -7.12
C LEU C 305 -14.00 -29.72 -6.90
N PRO C 306 -14.63 -29.67 -5.73
CA PRO C 306 -15.76 -30.59 -5.48
C PRO C 306 -16.95 -30.37 -6.42
N LEU C 307 -17.03 -29.23 -7.09
CA LEU C 307 -18.12 -29.00 -8.04
C LEU C 307 -17.88 -29.71 -9.36
N ASN C 308 -16.63 -29.71 -9.84
CA ASN C 308 -16.29 -30.29 -11.12
C ASN C 308 -15.93 -31.76 -11.04
N LEU C 309 -16.23 -32.43 -9.93
CA LEU C 309 -15.98 -33.85 -9.80
C LEU C 309 -17.11 -34.65 -10.46
N VAL C 310 -16.75 -35.79 -11.02
CA VAL C 310 -17.67 -36.61 -11.81
C VAL C 310 -17.97 -37.89 -11.03
N LYS C 311 -19.25 -38.10 -10.72
CA LYS C 311 -19.72 -39.27 -9.99
C LYS C 311 -18.99 -39.46 -8.66
N CYS D 27 -17.18 11.28 -21.35
CA CYS D 27 -17.86 11.03 -20.08
C CYS D 27 -16.88 11.04 -18.90
N THR D 28 -17.34 11.52 -17.75
CA THR D 28 -16.53 11.57 -16.54
C THR D 28 -17.19 10.76 -15.43
N VAL D 29 -16.38 10.40 -14.44
CA VAL D 29 -16.88 9.64 -13.29
C VAL D 29 -17.94 10.43 -12.54
N ALA D 30 -17.79 11.76 -12.48
CA ALA D 30 -18.81 12.58 -11.82
C ALA D 30 -20.16 12.49 -12.52
N GLN D 31 -20.15 12.25 -13.83
CA GLN D 31 -21.41 12.06 -14.55
C GLN D 31 -22.08 10.76 -14.17
N LEU D 32 -21.31 9.71 -13.89
CA LEU D 32 -21.87 8.44 -13.43
C LEU D 32 -22.57 8.55 -12.09
N LEU D 33 -22.41 9.65 -11.37
CA LEU D 33 -23.09 9.81 -10.08
C LEU D 33 -24.51 10.31 -10.22
N LYS D 34 -24.80 11.06 -11.29
CA LYS D 34 -26.11 11.69 -11.48
C LYS D 34 -27.06 10.84 -12.32
N GLN D 35 -26.74 9.56 -12.54
CA GLN D 35 -27.62 8.70 -13.33
C GLN D 35 -28.96 8.53 -12.64
N ASN D 36 -30.02 8.45 -13.45
CA ASN D 36 -31.38 8.32 -12.95
C ASN D 36 -31.62 6.88 -12.53
N LEU D 37 -31.60 6.63 -11.22
CA LEU D 37 -31.92 5.29 -10.72
C LEU D 37 -33.39 4.94 -10.91
N LEU D 38 -34.26 5.95 -11.06
CA LEU D 38 -35.68 5.66 -11.25
C LEU D 38 -35.93 5.02 -12.61
N THR D 39 -35.24 5.47 -13.64
CA THR D 39 -35.34 4.87 -14.97
C THR D 39 -34.27 3.81 -15.20
N PHE D 40 -33.61 3.35 -14.14
CA PHE D 40 -32.62 2.27 -14.22
C PHE D 40 -31.50 2.62 -15.20
N GLU D 41 -31.01 3.86 -15.11
CA GLU D 41 -29.97 4.33 -16.02
C GLU D 41 -28.68 3.54 -15.85
N ASN D 42 -28.38 3.09 -14.63
CA ASN D 42 -27.10 2.46 -14.34
C ASN D 42 -26.96 1.09 -14.96
N GLN D 43 -28.06 0.44 -15.37
CA GLN D 43 -27.99 -0.89 -15.93
C GLN D 43 -27.95 -0.92 -17.45
N ARG D 44 -28.29 0.19 -18.12
CA ARG D 44 -28.39 0.22 -19.58
C ARG D 44 -26.99 0.23 -20.18
N ILE D 45 -26.38 -0.95 -20.21
CA ILE D 45 -25.06 -1.14 -20.81
C ILE D 45 -25.28 -1.72 -22.21
N GLN D 46 -25.04 -0.92 -23.23
CA GLN D 46 -25.21 -1.35 -24.61
C GLN D 46 -23.89 -1.30 -25.36
N PRO D 47 -23.59 -2.31 -26.18
CA PRO D 47 -22.30 -2.34 -26.87
C PRO D 47 -22.27 -1.46 -28.12
N GLU D 48 -21.21 -1.59 -28.91
CA GLU D 48 -21.11 -0.86 -30.17
C GLU D 48 -22.10 -1.44 -31.19
N GLU D 49 -22.51 -0.58 -32.13
CA GLU D 49 -23.53 -0.99 -33.08
C GLU D 49 -23.06 -2.11 -34.00
N GLU D 50 -21.75 -2.17 -34.29
CA GLU D 50 -21.23 -3.26 -35.11
C GLU D 50 -21.37 -4.60 -34.38
N LEU D 51 -21.14 -4.61 -33.07
CA LEU D 51 -21.31 -5.83 -32.28
C LEU D 51 -22.77 -6.05 -31.92
N LYS D 52 -23.53 -4.98 -31.68
CA LYS D 52 -24.96 -5.12 -31.41
C LYS D 52 -25.72 -5.64 -32.63
N GLU D 53 -25.23 -5.31 -33.83
CA GLU D 53 -25.81 -5.88 -35.05
C GLU D 53 -25.70 -7.40 -35.04
N ASN D 54 -24.53 -7.92 -34.69
CA ASN D 54 -24.30 -9.36 -34.77
C ASN D 54 -25.01 -10.09 -33.63
N LEU D 55 -24.96 -9.55 -32.42
CA LEU D 55 -25.58 -10.24 -31.29
C LEU D 55 -27.10 -10.34 -31.44
N THR D 56 -27.74 -9.26 -31.89
CA THR D 56 -29.19 -9.29 -32.07
C THR D 56 -29.61 -10.27 -33.17
N LYS D 57 -28.79 -10.40 -34.22
CA LYS D 57 -28.99 -11.42 -35.26
C LYS D 57 -28.97 -12.83 -34.69
N VAL D 58 -28.08 -13.09 -33.73
CA VAL D 58 -28.00 -14.39 -33.11
C VAL D 58 -29.26 -14.66 -32.28
N VAL D 59 -29.77 -13.63 -31.59
CA VAL D 59 -30.99 -13.79 -30.82
C VAL D 59 -32.18 -13.98 -31.74
N ASN D 60 -32.24 -13.20 -32.82
CA ASN D 60 -33.37 -13.26 -33.75
C ASN D 60 -33.37 -14.52 -34.61
N TYR D 61 -32.27 -15.28 -34.63
CA TYR D 61 -32.22 -16.50 -35.43
C TYR D 61 -33.10 -17.60 -34.84
N PHE D 62 -33.28 -17.60 -33.52
CA PHE D 62 -34.00 -18.68 -32.86
C PHE D 62 -35.50 -18.52 -33.03
N GLN D 63 -36.17 -19.61 -33.42
CA GLN D 63 -37.61 -19.56 -33.64
C GLN D 63 -38.39 -19.66 -32.34
N ALA D 64 -37.84 -20.37 -31.34
CA ALA D 64 -38.51 -20.46 -30.05
C ALA D 64 -38.50 -19.10 -29.37
N PRO D 65 -39.57 -18.74 -28.65
CA PRO D 65 -39.67 -17.39 -28.09
C PRO D 65 -38.71 -17.20 -26.91
N ILE D 66 -37.79 -16.24 -27.06
CA ILE D 66 -36.88 -15.84 -25.99
C ILE D 66 -37.45 -14.60 -25.33
N ASP D 67 -37.71 -14.66 -24.03
CA ASP D 67 -38.28 -13.52 -23.33
C ASP D 67 -37.20 -12.48 -22.99
N VAL D 68 -36.10 -12.94 -22.39
CA VAL D 68 -34.98 -12.06 -22.04
C VAL D 68 -33.70 -12.78 -22.43
N ALA D 69 -32.94 -12.19 -23.35
CA ALA D 69 -31.66 -12.74 -23.77
C ALA D 69 -30.55 -11.85 -23.24
N VAL D 70 -29.55 -12.46 -22.63
CA VAL D 70 -28.45 -11.76 -22.00
C VAL D 70 -27.14 -12.19 -22.65
N GLY D 71 -26.27 -11.23 -22.91
CA GLY D 71 -24.94 -11.48 -23.44
C GLY D 71 -23.88 -11.12 -22.42
N TYR D 72 -22.87 -11.98 -22.30
CA TYR D 72 -21.81 -11.80 -21.31
C TYR D 72 -20.56 -12.51 -21.82
N GLY D 73 -19.48 -12.38 -21.05
CA GLY D 73 -18.25 -13.08 -21.38
C GLY D 73 -17.30 -12.25 -22.20
N SER D 74 -16.31 -12.96 -22.77
CA SER D 74 -15.27 -12.29 -23.54
C SER D 74 -15.75 -11.88 -24.93
N GLY D 75 -16.74 -12.60 -25.48
CA GLY D 75 -17.27 -12.24 -26.79
C GLY D 75 -18.06 -10.95 -26.80
N VAL D 76 -18.62 -10.54 -25.67
CA VAL D 76 -19.38 -9.30 -25.56
C VAL D 76 -18.53 -8.18 -25.01
N PHE D 77 -17.86 -8.42 -23.89
CA PHE D 77 -16.91 -7.45 -23.33
C PHE D 77 -15.52 -7.82 -23.83
N ARG D 78 -15.22 -7.40 -25.04
CA ARG D 78 -13.99 -7.78 -25.71
C ARG D 78 -12.78 -7.19 -24.98
N GLN D 79 -11.71 -7.98 -24.92
CA GLN D 79 -10.48 -7.60 -24.22
C GLN D 79 -10.75 -7.27 -22.75
N ASN D 87 -11.05 -14.12 -32.43
CA ASN D 87 -12.50 -14.19 -32.32
C ASN D 87 -12.93 -15.35 -31.44
N PRO D 88 -13.33 -15.05 -30.19
CA PRO D 88 -13.75 -16.12 -29.28
C PRO D 88 -15.23 -16.42 -29.35
N MET D 89 -15.67 -17.39 -28.55
CA MET D 89 -17.06 -17.81 -28.53
C MET D 89 -17.89 -16.87 -27.67
N ILE D 90 -19.04 -16.45 -28.19
CA ILE D 90 -19.94 -15.54 -27.49
C ILE D 90 -20.89 -16.35 -26.62
N ASP D 91 -21.11 -15.89 -25.39
CA ASP D 91 -21.92 -16.60 -24.41
C ASP D 91 -23.28 -15.92 -24.26
N PHE D 92 -24.33 -16.73 -24.30
CA PHE D 92 -25.69 -16.24 -24.15
C PHE D 92 -26.40 -17.04 -23.05
N ILE D 93 -27.37 -16.39 -22.42
CA ILE D 93 -28.31 -17.07 -21.53
C ILE D 93 -29.71 -16.60 -21.88
N PHE D 94 -30.58 -17.55 -22.24
CA PHE D 94 -31.93 -17.24 -22.69
C PHE D 94 -32.92 -17.51 -21.57
N GLN D 95 -33.60 -16.45 -21.12
CA GLN D 95 -34.65 -16.55 -20.11
C GLN D 95 -35.98 -16.79 -20.81
N VAL D 96 -36.59 -17.95 -20.58
CA VAL D 96 -37.78 -18.36 -21.31
C VAL D 96 -38.90 -18.69 -20.34
N GLU D 97 -40.13 -18.64 -20.87
CA GLU D 97 -41.31 -18.87 -20.03
C GLU D 97 -41.38 -20.31 -19.54
N ASP D 98 -41.18 -21.28 -20.44
CA ASP D 98 -41.07 -22.68 -20.04
C ASP D 98 -39.96 -23.34 -20.86
N PRO D 99 -38.90 -23.84 -20.22
CA PRO D 99 -37.81 -24.44 -20.98
C PRO D 99 -38.20 -25.68 -21.75
N VAL D 100 -39.14 -26.48 -21.24
CA VAL D 100 -39.52 -27.71 -21.91
C VAL D 100 -40.17 -27.40 -23.27
N LYS D 101 -41.16 -26.50 -23.27
CA LYS D 101 -41.78 -26.10 -24.53
C LYS D 101 -40.78 -25.38 -25.43
N TRP D 102 -39.94 -24.51 -24.86
CA TRP D 102 -38.92 -23.84 -25.65
C TRP D 102 -37.97 -24.85 -26.29
N HIS D 103 -37.57 -25.88 -25.54
CA HIS D 103 -36.65 -26.87 -26.08
C HIS D 103 -37.30 -27.72 -27.16
N LYS D 104 -38.62 -27.91 -27.09
CA LYS D 104 -39.31 -28.66 -28.13
C LYS D 104 -39.19 -27.95 -29.48
N ILE D 105 -39.42 -26.64 -29.49
CA ILE D 105 -39.29 -25.86 -30.72
C ILE D 105 -37.85 -25.85 -31.20
N ASN D 106 -36.89 -25.67 -30.28
CA ASN D 106 -35.48 -25.64 -30.67
C ASN D 106 -34.99 -27.02 -31.10
N LEU D 107 -35.57 -28.09 -30.54
CA LEU D 107 -35.15 -29.43 -30.93
C LEU D 107 -35.48 -29.72 -32.39
N GLN D 108 -36.61 -29.20 -32.86
CA GLN D 108 -37.02 -29.42 -34.25
C GLN D 108 -36.33 -28.46 -35.21
N GLN D 109 -36.01 -27.26 -34.76
CA GLN D 109 -35.32 -26.31 -35.64
C GLN D 109 -33.83 -26.59 -35.75
N ASN D 110 -33.17 -26.87 -34.63
CA ASN D 110 -31.72 -27.11 -34.59
C ASN D 110 -31.44 -28.39 -33.82
N PRO D 111 -31.73 -29.55 -34.40
CA PRO D 111 -31.40 -30.81 -33.71
C PRO D 111 -29.91 -31.06 -33.59
N SER D 112 -29.08 -30.36 -34.37
CA SER D 112 -27.64 -30.54 -34.29
C SER D 112 -27.02 -29.77 -33.13
N HIS D 113 -27.72 -28.79 -32.59
CA HIS D 113 -27.21 -28.05 -31.45
C HIS D 113 -27.02 -28.95 -30.24
N TYR D 114 -27.87 -29.96 -30.08
CA TYR D 114 -27.82 -30.88 -28.95
C TYR D 114 -26.83 -31.99 -29.29
N SER D 115 -25.65 -31.95 -28.65
CA SER D 115 -24.57 -32.85 -29.00
C SER D 115 -24.54 -34.13 -28.15
N PHE D 116 -25.25 -34.15 -27.02
CA PHE D 116 -25.25 -35.33 -26.17
C PHE D 116 -25.93 -36.53 -26.81
N VAL D 117 -26.62 -36.33 -27.95
CA VAL D 117 -27.23 -37.46 -28.64
C VAL D 117 -26.18 -38.38 -29.22
N LYS D 118 -25.01 -37.83 -29.59
CA LYS D 118 -23.91 -38.63 -30.10
C LYS D 118 -23.34 -39.61 -29.08
N ASN D 119 -23.71 -39.47 -27.80
CA ASN D 119 -23.19 -40.30 -26.73
C ASN D 119 -24.20 -41.37 -26.28
N PHE D 120 -25.44 -40.98 -26.03
CA PHE D 120 -26.43 -41.90 -25.50
C PHE D 120 -27.42 -42.40 -26.56
N GLY D 121 -27.80 -41.56 -27.51
CA GLY D 121 -28.69 -41.98 -28.57
C GLY D 121 -29.92 -41.10 -28.70
N PRO D 122 -30.68 -41.30 -29.79
CA PRO D 122 -31.89 -40.50 -29.98
C PRO D 122 -33.00 -40.82 -28.99
N GLY D 123 -33.19 -42.09 -28.65
CA GLY D 123 -34.18 -42.46 -27.65
C GLY D 123 -33.87 -41.99 -26.26
N PHE D 124 -32.66 -41.47 -26.02
CA PHE D 124 -32.29 -40.95 -24.72
C PHE D 124 -32.98 -39.62 -24.43
N VAL D 125 -33.30 -38.86 -25.48
CA VAL D 125 -33.91 -37.54 -25.30
C VAL D 125 -35.26 -37.64 -24.62
N SER D 126 -35.97 -38.75 -24.82
CA SER D 126 -37.35 -38.86 -24.33
C SER D 126 -37.41 -38.81 -22.80
N THR D 127 -36.49 -39.49 -22.12
CA THR D 127 -36.56 -39.61 -20.67
C THR D 127 -36.09 -38.34 -19.95
N LEU D 128 -35.55 -37.35 -20.66
CA LEU D 128 -35.04 -36.13 -20.05
C LEU D 128 -35.91 -34.93 -20.39
N GLN D 129 -37.23 -35.14 -20.46
CA GLN D 129 -38.13 -34.05 -20.86
C GLN D 129 -38.20 -32.99 -19.78
N GLU D 130 -38.09 -33.39 -18.51
CA GLU D 130 -38.07 -32.45 -17.40
C GLU D 130 -36.65 -32.27 -16.85
N SER D 131 -35.65 -32.81 -17.53
CA SER D 131 -34.27 -32.43 -17.25
C SER D 131 -33.92 -31.06 -17.81
N PHE D 132 -34.83 -30.43 -18.55
CA PHE D 132 -34.61 -29.11 -19.12
C PHE D 132 -35.24 -27.98 -18.32
N GLY D 133 -36.31 -28.26 -17.57
CA GLY D 133 -36.98 -27.23 -16.79
C GLY D 133 -36.31 -26.87 -15.48
N THR D 134 -35.26 -27.60 -15.10
CA THR D 134 -34.54 -27.34 -13.87
C THR D 134 -33.11 -26.94 -14.19
N GLY D 135 -32.54 -26.06 -13.35
CA GLY D 135 -31.18 -25.62 -13.54
C GLY D 135 -31.03 -24.86 -14.85
N VAL D 136 -29.88 -25.08 -15.50
CA VAL D 136 -29.57 -24.44 -16.78
C VAL D 136 -28.98 -25.50 -17.69
N TYR D 137 -29.44 -25.55 -18.94
CA TYR D 137 -28.90 -26.42 -19.96
C TYR D 137 -28.11 -25.59 -20.96
N TYR D 138 -27.00 -26.14 -21.45
CA TYR D 138 -26.12 -25.44 -22.36
C TYR D 138 -25.96 -26.20 -23.67
N ASN D 139 -25.83 -25.45 -24.76
CA ASN D 139 -25.41 -25.99 -26.04
C ASN D 139 -24.16 -25.22 -26.47
N THR D 140 -23.07 -25.95 -26.70
CA THR D 140 -21.76 -25.34 -26.89
C THR D 140 -21.22 -25.62 -28.28
N HIS D 141 -20.42 -24.69 -28.79
CA HIS D 141 -19.72 -24.83 -30.06
C HIS D 141 -20.70 -25.05 -31.21
N VAL D 142 -21.79 -24.28 -31.22
CA VAL D 142 -22.73 -24.25 -32.33
C VAL D 142 -22.56 -22.92 -33.06
N GLU D 143 -22.72 -22.94 -34.38
CA GLU D 143 -22.60 -21.75 -35.21
C GLU D 143 -23.99 -21.31 -35.65
N VAL D 144 -24.37 -20.08 -35.27
CA VAL D 144 -25.71 -19.58 -35.55
C VAL D 144 -25.71 -18.84 -36.87
N GLU D 145 -24.94 -17.75 -36.97
CA GLU D 145 -24.89 -16.92 -38.17
C GLU D 145 -23.49 -16.30 -38.24
N GLY D 146 -22.50 -17.14 -38.52
CA GLY D 146 -21.13 -16.68 -38.63
C GLY D 146 -20.28 -17.00 -37.42
N ASN D 147 -20.77 -16.68 -36.23
CA ASN D 147 -20.02 -16.89 -35.00
C ASN D 147 -20.29 -18.28 -34.44
N ILE D 148 -19.37 -18.73 -33.59
CA ILE D 148 -19.54 -19.95 -32.81
C ILE D 148 -20.08 -19.54 -31.44
N ILE D 149 -21.21 -20.12 -31.06
CA ILE D 149 -22.02 -19.61 -29.97
C ILE D 149 -22.20 -20.70 -28.92
N LYS D 150 -22.22 -20.28 -27.65
CA LYS D 150 -22.68 -21.11 -26.55
C LYS D 150 -23.82 -20.38 -25.85
N TYR D 151 -24.98 -21.04 -25.75
CA TYR D 151 -26.14 -20.42 -25.14
C TYR D 151 -26.74 -21.35 -24.08
N GLY D 152 -27.28 -20.74 -23.04
CA GLY D 152 -27.91 -21.48 -21.96
C GLY D 152 -29.36 -21.04 -21.80
N VAL D 153 -30.20 -22.00 -21.43
CA VAL D 153 -31.63 -21.76 -21.29
C VAL D 153 -32.04 -22.03 -19.85
N THR D 154 -32.93 -21.20 -19.32
CA THR D 154 -33.41 -21.35 -17.96
C THR D 154 -34.79 -20.71 -17.85
N SER D 155 -35.52 -21.11 -16.81
CA SER D 155 -36.87 -20.59 -16.59
C SER D 155 -36.82 -19.12 -16.19
N LYS D 156 -37.71 -18.32 -16.79
CA LYS D 156 -37.75 -16.91 -16.45
C LYS D 156 -38.24 -16.68 -15.02
N LYS D 157 -39.22 -17.48 -14.59
CA LYS D 157 -39.68 -17.34 -13.21
C LYS D 157 -38.64 -17.84 -12.21
N ASP D 158 -37.78 -18.77 -12.63
CA ASP D 158 -36.68 -19.19 -11.76
C ASP D 158 -35.70 -18.05 -11.55
N VAL D 159 -35.42 -17.27 -12.60
CA VAL D 159 -34.50 -16.15 -12.49
C VAL D 159 -35.13 -15.02 -11.69
N TYR D 160 -36.38 -14.68 -11.99
CA TYR D 160 -37.02 -13.54 -11.33
C TYR D 160 -37.20 -13.80 -9.84
N GLU D 161 -37.47 -15.04 -9.46
CA GLU D 161 -37.57 -15.35 -8.04
C GLU D 161 -36.21 -15.30 -7.36
N ASP D 162 -35.14 -15.64 -8.09
CA ASP D 162 -33.80 -15.49 -7.54
C ASP D 162 -33.46 -14.02 -7.32
N LEU D 163 -33.84 -13.16 -8.26
CA LEU D 163 -33.55 -11.73 -8.13
C LEU D 163 -34.30 -11.07 -6.99
N LYS D 164 -35.25 -11.76 -6.37
CA LYS D 164 -36.09 -11.15 -5.34
C LYS D 164 -35.87 -11.71 -3.94
N ASN D 165 -35.44 -12.97 -3.82
CA ASN D 165 -35.19 -13.53 -2.51
C ASN D 165 -33.93 -14.40 -2.46
N TRP D 166 -33.17 -14.52 -3.55
CA TRP D 166 -31.90 -15.23 -3.57
C TRP D 166 -32.04 -16.66 -3.06
N ASN D 167 -32.83 -17.44 -3.79
CA ASN D 167 -32.96 -18.87 -3.46
C ASN D 167 -31.59 -19.55 -3.50
N THR D 168 -30.78 -19.21 -4.50
CA THR D 168 -29.44 -19.76 -4.64
C THR D 168 -28.41 -18.76 -5.12
N MET D 169 -28.80 -17.66 -5.74
CA MET D 169 -27.93 -16.66 -6.36
C MET D 169 -27.09 -17.24 -7.49
N TYR D 170 -27.33 -18.49 -7.89
CA TYR D 170 -26.62 -19.05 -9.04
C TYR D 170 -26.89 -18.24 -10.29
N LEU D 171 -28.09 -17.68 -10.40
CA LEU D 171 -28.46 -16.80 -11.51
C LEU D 171 -28.39 -15.33 -11.14
N ALA D 172 -28.78 -14.99 -9.91
CA ALA D 172 -28.76 -13.58 -9.48
C ALA D 172 -27.33 -13.04 -9.43
N GLY D 173 -26.36 -13.88 -9.07
CA GLY D 173 -24.99 -13.41 -8.99
C GLY D 173 -24.43 -12.98 -10.34
N ARG D 174 -24.90 -13.60 -11.41
CA ARG D 174 -24.46 -13.19 -12.74
C ARG D 174 -24.95 -11.79 -13.10
N PHE D 175 -26.10 -11.37 -12.58
CA PHE D 175 -26.61 -10.06 -12.91
C PHE D 175 -26.18 -8.99 -11.90
N GLN D 176 -25.31 -9.34 -10.96
CA GLN D 176 -24.64 -8.34 -10.13
C GLN D 176 -23.41 -7.76 -10.80
N LYS D 177 -23.01 -8.30 -11.94
CA LYS D 177 -21.84 -7.87 -12.68
C LYS D 177 -22.26 -7.36 -14.05
N PRO D 178 -21.38 -6.72 -14.82
CA PRO D 178 -21.80 -6.14 -16.10
C PRO D 178 -22.29 -7.19 -17.08
N VAL D 179 -23.55 -7.03 -17.52
CA VAL D 179 -24.15 -7.82 -18.58
C VAL D 179 -24.82 -6.87 -19.57
N VAL D 180 -25.05 -7.37 -20.79
CA VAL D 180 -25.82 -6.65 -21.79
C VAL D 180 -27.15 -7.37 -21.98
N ILE D 181 -28.23 -6.60 -22.00
CA ILE D 181 -29.58 -7.12 -22.20
C ILE D 181 -29.98 -6.77 -23.61
N LEU D 182 -29.97 -7.76 -24.51
CA LEU D 182 -30.32 -7.53 -25.90
C LEU D 182 -31.83 -7.60 -26.14
N LYS D 183 -32.58 -8.21 -25.24
CA LYS D 183 -34.02 -8.37 -25.42
C LYS D 183 -34.68 -8.40 -24.05
N GLY D 184 -35.75 -7.63 -23.90
CA GLY D 184 -36.45 -7.55 -22.63
C GLY D 184 -35.79 -6.61 -21.64
N GLU D 185 -35.31 -5.47 -22.12
CA GLU D 185 -34.46 -4.61 -21.29
C GLU D 185 -35.28 -3.90 -20.21
N ASP D 186 -36.35 -3.20 -20.60
CA ASP D 186 -37.09 -2.40 -19.64
C ASP D 186 -37.78 -3.25 -18.58
N GLU D 187 -38.09 -4.51 -18.87
CA GLU D 187 -38.71 -5.37 -17.89
C GLU D 187 -37.68 -6.01 -16.95
N PHE D 188 -36.49 -6.31 -17.46
CA PHE D 188 -35.47 -6.95 -16.65
C PHE D 188 -34.77 -5.97 -15.71
N TYR D 189 -34.59 -4.72 -16.15
CA TYR D 189 -33.90 -3.75 -15.31
C TYR D 189 -34.68 -3.46 -14.03
N LYS D 190 -36.00 -3.46 -14.10
CA LYS D 190 -36.81 -3.21 -12.91
C LYS D 190 -36.67 -4.36 -11.91
N GLU D 191 -36.56 -5.60 -12.41
CA GLU D 191 -36.40 -6.75 -11.51
C GLU D 191 -35.00 -6.83 -10.93
N ASN D 192 -33.98 -6.43 -11.71
CA ASN D 192 -32.60 -6.48 -11.25
C ASN D 192 -32.22 -5.28 -10.39
N SER D 193 -33.12 -4.30 -10.23
CA SER D 193 -32.80 -3.12 -9.45
C SER D 193 -32.53 -3.47 -7.99
N TYR D 194 -33.40 -4.31 -7.40
CA TYR D 194 -33.21 -4.70 -6.01
C TYR D 194 -32.04 -5.65 -5.83
N ASN D 195 -31.74 -6.44 -6.86
CA ASN D 195 -30.59 -7.34 -6.78
C ASN D 195 -29.28 -6.57 -6.73
N LEU D 196 -29.18 -5.49 -7.51
CA LEU D 196 -27.96 -4.69 -7.52
C LEU D 196 -27.77 -3.94 -6.21
N SER D 197 -28.83 -3.29 -5.73
CA SER D 197 -28.76 -2.60 -4.45
C SER D 197 -28.44 -3.56 -3.30
N SER D 198 -28.80 -4.83 -3.46
CA SER D 198 -28.53 -5.79 -2.39
C SER D 198 -27.08 -6.23 -2.39
N ALA D 199 -26.47 -6.39 -3.57
CA ALA D 199 -25.06 -6.77 -3.63
C ALA D 199 -24.18 -5.67 -3.05
N LEU D 200 -24.55 -4.41 -3.26
CA LEU D 200 -23.81 -3.31 -2.66
C LEU D 200 -23.95 -3.33 -1.13
N HIS D 201 -25.11 -3.74 -0.63
CA HIS D 201 -25.31 -3.80 0.81
C HIS D 201 -24.47 -4.91 1.44
N VAL D 202 -24.35 -6.04 0.76
CA VAL D 202 -23.51 -7.12 1.29
C VAL D 202 -22.05 -6.69 1.26
N GLY D 203 -21.64 -5.93 0.26
CA GLY D 203 -20.29 -5.40 0.24
C GLY D 203 -20.03 -4.43 1.37
N LEU D 204 -21.03 -3.62 1.72
CA LEU D 204 -20.87 -2.70 2.84
C LEU D 204 -20.85 -3.43 4.17
N LEU D 205 -21.49 -4.60 4.24
CA LEU D 205 -21.42 -5.42 5.44
C LEU D 205 -20.02 -5.99 5.65
N MET D 206 -19.33 -6.34 4.57
CA MET D 206 -18.03 -6.98 4.66
C MET D 206 -16.88 -5.98 4.77
N LEU D 207 -17.04 -4.78 4.22
CA LEU D 207 -15.98 -3.79 4.23
C LEU D 207 -16.03 -2.95 5.49
N ALA D 208 -14.88 -2.41 5.87
CA ALA D 208 -14.71 -1.75 7.15
C ALA D 208 -15.08 -0.26 7.03
N ASP D 209 -14.60 0.56 7.95
CA ASP D 209 -14.95 1.98 7.96
C ASP D 209 -14.52 2.67 6.68
N ARG D 210 -13.31 2.38 6.19
CA ARG D 210 -12.77 3.00 5.00
C ARG D 210 -12.40 1.93 3.99
N PHE D 211 -12.74 2.19 2.73
CA PHE D 211 -12.46 1.24 1.65
C PHE D 211 -12.38 2.00 0.34
N THR D 212 -11.82 1.34 -0.66
CA THR D 212 -11.80 1.88 -2.01
C THR D 212 -12.79 1.13 -2.88
N GLU D 213 -13.14 1.75 -4.01
CA GLU D 213 -14.08 1.11 -4.93
C GLU D 213 -13.53 -0.20 -5.47
N PHE D 214 -12.21 -0.34 -5.52
CA PHE D 214 -11.62 -1.59 -5.98
C PHE D 214 -11.94 -2.72 -5.01
N ASP D 215 -11.81 -2.48 -3.71
CA ASP D 215 -12.15 -3.50 -2.72
C ASP D 215 -13.63 -3.88 -2.79
N LEU D 216 -14.49 -2.92 -3.11
CA LEU D 216 -15.92 -3.20 -3.19
C LEU D 216 -16.25 -4.06 -4.41
N TYR D 217 -15.77 -3.66 -5.59
CA TYR D 217 -16.04 -4.45 -6.79
C TYR D 217 -15.38 -5.83 -6.69
N LYS D 218 -14.21 -5.91 -6.06
CA LYS D 218 -13.59 -7.21 -5.86
C LYS D 218 -14.39 -8.07 -4.89
N THR D 219 -15.04 -7.46 -3.91
CA THR D 219 -15.85 -8.21 -2.96
C THR D 219 -17.11 -8.74 -3.62
N ILE D 220 -17.81 -7.90 -4.39
CA ILE D 220 -19.02 -8.32 -5.07
C ILE D 220 -18.73 -9.46 -6.03
N VAL D 221 -17.61 -9.39 -6.75
CA VAL D 221 -17.23 -10.47 -7.65
C VAL D 221 -16.99 -11.76 -6.89
N SER D 222 -16.47 -11.66 -5.66
CA SER D 222 -16.17 -12.87 -4.89
C SER D 222 -17.44 -13.57 -4.41
N LEU D 223 -18.53 -12.82 -4.21
CA LEU D 223 -19.76 -13.44 -3.76
C LEU D 223 -20.31 -14.43 -4.79
N SER D 224 -20.17 -14.10 -6.06
CA SER D 224 -20.72 -14.91 -7.15
C SER D 224 -19.67 -15.69 -7.90
N TYR D 225 -18.41 -15.67 -7.44
CA TYR D 225 -17.35 -16.34 -8.17
C TYR D 225 -17.59 -17.85 -8.22
N LEU D 226 -17.82 -18.47 -7.06
CA LEU D 226 -18.08 -19.90 -7.04
C LEU D 226 -19.43 -20.24 -7.64
N GLY D 227 -20.42 -19.35 -7.49
CA GLY D 227 -21.71 -19.58 -8.10
C GLY D 227 -21.65 -19.64 -9.61
N ASP D 228 -20.83 -18.77 -10.21
CA ASP D 228 -20.65 -18.78 -11.66
C ASP D 228 -19.76 -19.91 -12.13
N ILE D 229 -18.92 -20.46 -11.25
CA ILE D 229 -18.16 -21.66 -11.60
C ILE D 229 -19.08 -22.86 -11.66
N ARG D 230 -20.10 -22.90 -10.80
CA ARG D 230 -21.04 -24.02 -10.81
C ARG D 230 -21.84 -24.07 -12.09
N MET D 231 -22.30 -22.91 -12.57
CA MET D 231 -22.98 -22.83 -13.86
C MET D 231 -22.03 -23.00 -15.04
N SER D 232 -20.72 -23.02 -14.79
CA SER D 232 -19.73 -23.37 -15.81
C SER D 232 -19.50 -24.88 -15.73
N PHE D 233 -20.26 -25.63 -16.51
CA PHE D 233 -20.21 -27.09 -16.43
C PHE D 233 -18.83 -27.61 -16.81
N ALA D 234 -18.38 -27.28 -18.03
CA ALA D 234 -17.04 -27.64 -18.47
C ALA D 234 -16.53 -26.61 -19.48
N ALA D 235 -16.83 -25.34 -19.23
CA ALA D 235 -16.54 -24.27 -20.17
C ALA D 235 -15.07 -23.88 -20.15
N GLU D 236 -14.76 -22.68 -19.68
CA GLU D 236 -13.43 -22.11 -19.79
C GLU D 236 -12.79 -21.93 -18.41
N ASN D 237 -11.47 -21.79 -18.42
CA ASN D 237 -10.73 -21.53 -17.19
C ASN D 237 -11.14 -20.16 -16.64
N PRO D 238 -11.45 -20.05 -15.35
CA PRO D 238 -11.89 -18.77 -14.81
C PRO D 238 -10.75 -17.77 -14.75
N ARG D 239 -11.12 -16.50 -14.56
CA ARG D 239 -10.16 -15.42 -14.48
C ARG D 239 -9.96 -14.99 -13.04
N LYS D 240 -8.91 -14.22 -12.80
CA LYS D 240 -8.64 -13.69 -11.48
C LYS D 240 -9.54 -12.49 -11.19
N VAL D 241 -9.85 -12.30 -9.91
CA VAL D 241 -10.78 -11.24 -9.52
C VAL D 241 -10.24 -9.87 -9.92
N GLU D 242 -8.93 -9.67 -9.78
CA GLU D 242 -8.35 -8.38 -10.11
C GLU D 242 -8.40 -8.10 -11.60
N ASN D 243 -8.25 -9.14 -12.44
CA ASN D 243 -8.37 -8.94 -13.88
C ASN D 243 -9.81 -8.70 -14.30
N ILE D 244 -10.76 -9.33 -13.62
CA ILE D 244 -12.17 -9.13 -13.95
C ILE D 244 -12.58 -7.68 -13.69
N VAL D 245 -12.19 -7.15 -12.55
CA VAL D 245 -12.64 -5.80 -12.18
C VAL D 245 -11.86 -4.74 -12.94
N SER D 246 -10.54 -4.91 -13.08
CA SER D 246 -9.74 -3.87 -13.70
C SER D 246 -10.08 -3.71 -15.18
N LYS D 247 -10.36 -4.81 -15.87
CA LYS D 247 -10.63 -4.73 -17.29
C LYS D 247 -12.06 -4.31 -17.61
N GLN D 248 -12.97 -4.37 -16.63
CA GLN D 248 -14.34 -3.90 -16.78
C GLN D 248 -14.66 -2.82 -15.74
N ILE D 249 -13.66 -2.02 -15.39
CA ILE D 249 -13.84 -1.04 -14.31
C ILE D 249 -14.83 0.04 -14.72
N ALA D 250 -14.90 0.37 -16.01
CA ALA D 250 -15.84 1.40 -16.44
C ALA D 250 -17.28 0.97 -16.19
N PHE D 251 -17.58 -0.31 -16.37
CA PHE D 251 -18.95 -0.80 -16.21
C PHE D 251 -19.29 -1.06 -14.75
N PHE D 252 -18.32 -1.50 -13.94
CA PHE D 252 -18.57 -1.61 -12.51
C PHE D 252 -18.85 -0.24 -11.91
N ARG D 253 -18.15 0.79 -12.41
CA ARG D 253 -18.42 2.15 -11.94
C ARG D 253 -19.80 2.63 -12.40
N LYS D 254 -20.17 2.35 -13.64
CA LYS D 254 -21.50 2.72 -14.12
C LYS D 254 -22.60 2.03 -13.32
N LEU D 255 -22.37 0.77 -12.89
CA LEU D 255 -23.39 0.02 -12.18
C LEU D 255 -23.58 0.51 -10.74
N TYR D 256 -22.49 0.77 -10.02
CA TYR D 256 -22.57 0.91 -8.57
C TYR D 256 -22.28 2.31 -8.05
N LEU D 257 -21.58 3.15 -8.79
CA LEU D 257 -21.28 4.49 -8.30
C LEU D 257 -22.54 5.30 -7.98
N PRO D 258 -23.57 5.33 -8.83
CA PRO D 258 -24.81 6.04 -8.45
C PRO D 258 -25.49 5.42 -7.24
N LEU D 259 -25.26 4.13 -6.97
CA LEU D 259 -25.84 3.50 -5.79
C LEU D 259 -25.10 3.90 -4.52
N LEU D 260 -23.77 3.97 -4.58
CA LEU D 260 -23.01 4.48 -3.45
C LEU D 260 -23.37 5.93 -3.13
N TYR D 261 -23.66 6.72 -4.17
CA TYR D 261 -23.98 8.13 -3.96
C TYR D 261 -25.29 8.29 -3.21
N ALA D 262 -26.28 7.45 -3.51
CA ALA D 262 -27.58 7.52 -2.85
C ALA D 262 -27.63 6.76 -1.54
N GLU D 263 -26.67 5.86 -1.30
CA GLU D 263 -26.68 5.08 -0.07
C GLU D 263 -26.44 5.98 1.13
N PRO D 264 -27.30 5.95 2.14
CA PRO D 264 -27.10 6.81 3.31
C PRO D 264 -25.92 6.34 4.14
N GLY D 265 -25.12 7.30 4.60
CA GLY D 265 -23.98 7.00 5.44
C GLY D 265 -22.68 6.73 4.70
N VAL D 266 -22.70 6.70 3.38
CA VAL D 266 -21.50 6.47 2.58
C VAL D 266 -21.07 7.81 1.99
N HIS D 267 -19.78 8.15 2.17
CA HIS D 267 -19.24 9.42 1.73
C HIS D 267 -18.07 9.20 0.79
N PHE D 268 -17.97 10.06 -0.22
CA PHE D 268 -16.81 10.06 -1.11
C PHE D 268 -15.69 10.86 -0.47
N ILE D 269 -14.48 10.29 -0.48
CA ILE D 269 -13.34 10.99 0.10
C ILE D 269 -12.82 12.06 -0.85
N GLU D 270 -12.80 11.76 -2.14
CA GLU D 270 -12.28 12.68 -3.14
C GLU D 270 -13.25 13.83 -3.39
N SER D 271 -12.72 14.89 -3.99
CA SER D 271 -13.50 16.09 -4.28
C SER D 271 -14.21 15.97 -5.62
N SER D 272 -15.24 16.79 -5.80
CA SER D 272 -16.00 16.76 -7.05
C SER D 272 -15.11 17.09 -8.25
N GLU D 273 -14.17 18.03 -8.07
CA GLU D 273 -13.28 18.39 -9.17
C GLU D 273 -12.39 17.23 -9.58
N VAL D 274 -12.00 16.38 -8.62
CA VAL D 274 -11.25 15.17 -8.97
C VAL D 274 -12.13 14.22 -9.77
N LEU D 275 -13.38 14.06 -9.36
CA LEU D 275 -14.31 13.19 -10.09
C LEU D 275 -14.56 13.71 -11.50
N LYS D 276 -14.75 15.02 -11.65
CA LYS D 276 -15.01 15.61 -12.95
C LYS D 276 -13.84 15.50 -13.92
N SER D 277 -12.67 15.05 -13.45
CA SER D 277 -11.48 14.92 -14.28
C SER D 277 -11.06 13.48 -14.47
N MET D 278 -12.00 12.54 -14.33
CA MET D 278 -11.69 11.12 -14.29
C MET D 278 -12.48 10.37 -15.35
N ASP D 279 -11.79 9.59 -16.16
CA ASP D 279 -12.44 8.68 -17.09
C ASP D 279 -12.85 7.40 -16.34
N PRO D 280 -14.10 6.96 -16.45
CA PRO D 280 -14.49 5.69 -15.81
C PRO D 280 -13.61 4.50 -16.17
N SER D 281 -12.95 4.54 -17.33
CA SER D 281 -12.09 3.45 -17.77
C SER D 281 -10.66 3.59 -17.25
N ASP D 282 -10.43 4.44 -16.26
CA ASP D 282 -9.09 4.69 -15.76
C ASP D 282 -8.80 3.80 -14.56
N ASN D 283 -7.72 3.02 -14.64
CA ASN D 283 -7.28 2.16 -13.56
C ASN D 283 -6.14 2.77 -12.75
N SER D 284 -5.78 4.02 -13.03
CA SER D 284 -4.68 4.65 -12.31
C SER D 284 -5.09 5.06 -10.90
N ARG D 285 -6.38 5.28 -10.67
CA ARG D 285 -6.87 5.72 -9.37
C ARG D 285 -8.19 5.05 -9.07
N TYR D 286 -8.36 4.63 -7.82
CA TYR D 286 -9.60 4.06 -7.33
C TYR D 286 -10.11 4.94 -6.20
N LEU D 287 -11.39 5.33 -6.28
CA LEU D 287 -11.94 6.26 -5.32
C LEU D 287 -12.07 5.62 -3.94
N SER D 288 -11.85 6.42 -2.91
CA SER D 288 -11.96 5.95 -1.53
C SER D 288 -13.28 6.40 -0.93
N PHE D 289 -13.79 5.59 -0.01
CA PHE D 289 -15.07 5.84 0.62
C PHE D 289 -14.95 5.69 2.13
N HIS D 290 -15.83 6.38 2.84
CA HIS D 290 -15.99 6.19 4.28
C HIS D 290 -17.46 5.97 4.57
N GLN D 291 -17.77 4.94 5.35
CA GLN D 291 -19.14 4.63 5.72
C GLN D 291 -19.30 4.69 7.24
N ASN D 292 -20.46 5.15 7.68
CA ASN D 292 -20.78 5.17 9.11
C ASN D 292 -21.26 3.79 9.53
N ILE D 293 -20.60 3.23 10.55
CA ILE D 293 -20.87 1.87 10.99
C ILE D 293 -21.39 1.95 12.42
N THR D 294 -22.71 1.79 12.57
CA THR D 294 -23.35 1.68 13.87
C THR D 294 -24.05 0.34 13.97
N LYS D 295 -24.51 0.01 15.19
CA LYS D 295 -25.26 -1.22 15.38
C LYS D 295 -26.62 -1.16 14.70
N ASP D 296 -27.16 0.04 14.54
CA ASP D 296 -28.46 0.22 13.89
C ASP D 296 -28.34 0.33 12.38
N SER D 297 -27.19 0.78 11.87
CA SER D 297 -26.98 0.82 10.42
C SER D 297 -26.64 -0.56 9.86
N ILE D 298 -26.02 -1.41 10.67
CA ILE D 298 -25.72 -2.77 10.21
C ILE D 298 -27.00 -3.60 10.18
N SER D 299 -27.83 -3.49 11.22
CA SER D 299 -29.10 -4.21 11.23
C SER D 299 -30.01 -3.74 10.10
N ARG D 300 -29.94 -2.45 9.75
CA ARG D 300 -30.71 -1.96 8.62
C ARG D 300 -30.21 -2.55 7.31
N LEU D 301 -28.89 -2.63 7.13
CA LEU D 301 -28.33 -3.25 5.94
C LEU D 301 -28.63 -4.74 5.89
N LEU D 302 -28.60 -5.41 7.05
CA LEU D 302 -28.77 -6.86 7.09
C LEU D 302 -30.23 -7.26 6.92
N ASN D 303 -31.15 -6.52 7.55
CA ASN D 303 -32.56 -6.90 7.48
C ASN D 303 -33.17 -6.62 6.11
N GLY D 304 -32.51 -5.82 5.28
CA GLY D 304 -33.00 -5.52 3.95
C GLY D 304 -32.48 -6.43 2.86
N LEU D 305 -31.79 -7.52 3.21
CA LEU D 305 -31.25 -8.43 2.21
C LEU D 305 -32.34 -9.39 1.73
N PRO D 306 -32.22 -9.89 0.50
CA PRO D 306 -33.20 -10.88 0.01
C PRO D 306 -33.24 -12.15 0.83
N LEU D 307 -32.20 -12.44 1.62
CA LEU D 307 -32.21 -13.64 2.45
C LEU D 307 -33.11 -13.47 3.67
N ASN D 308 -33.05 -12.31 4.32
CA ASN D 308 -33.76 -12.06 5.57
C ASN D 308 -35.12 -11.42 5.36
N LEU D 309 -35.66 -11.47 4.14
CA LEU D 309 -36.98 -10.93 3.86
C LEU D 309 -38.04 -11.97 4.12
N VAL D 310 -39.15 -11.56 4.74
CA VAL D 310 -40.25 -12.44 5.06
C VAL D 310 -41.36 -12.24 4.03
N LYS D 311 -41.80 -13.34 3.42
CA LYS D 311 -42.84 -13.32 2.39
C LYS D 311 -42.55 -12.30 1.29
N1 CTP E . -20.53 -18.97 -16.83
C2 CTP E . -21.59 -19.81 -17.16
N3 CTP E . -22.88 -19.45 -16.82
C4 CTP E . -23.10 -18.43 -15.91
C5 CTP E . -22.01 -17.77 -15.38
C6 CTP E . -20.77 -17.91 -16.00
O2 CTP E . -21.37 -20.87 -17.74
N4 CTP E . -24.34 -18.09 -15.55
C1' CTP E . -19.14 -19.45 -17.02
C2' CTP E . -18.47 -18.76 -18.20
O2' CTP E . -18.29 -19.68 -19.26
C3' CTP E . -17.12 -18.29 -17.69
C4' CTP E . -17.18 -18.46 -16.18
O4' CTP E . -18.37 -19.14 -15.86
O3' CTP E . -16.08 -19.09 -18.22
C5' CTP E . -17.19 -17.10 -15.48
O5' CTP E . -18.27 -16.37 -16.00
PA CTP E . -18.31 -14.77 -16.01
O1A CTP E . -19.72 -14.31 -15.72
O2A CTP E . -17.82 -14.21 -17.32
O3A CTP E . -17.34 -14.36 -14.79
PB CTP E . -16.79 -12.86 -14.68
O1B CTP E . -15.49 -12.76 -15.42
O2B CTP E . -16.64 -12.45 -13.24
O3B CTP E . -17.93 -11.98 -15.43
PG CTP E . -17.62 -10.49 -15.96
O1G CTP E . -17.80 -9.51 -14.82
O2G CTP E . -18.57 -10.14 -17.08
O3G CTP E . -16.20 -10.41 -16.47
#